data_8JZ3
#
_entry.id   8JZ3
#
_cell.length_a   58.240
_cell.length_b   74.856
_cell.length_c   143.059
_cell.angle_alpha   90.00
_cell.angle_beta   90.00
_cell.angle_gamma   90.00
#
_symmetry.space_group_name_H-M   'P 21 21 21'
#
loop_
_entity.id
_entity.type
_entity.pdbx_description
1 polymer AetF
2 non-polymer 'FLAVIN-ADENINE DINUCLEOTIDE'
3 non-polymer TRYPTOPHAN
4 water water
#
_entity_poly.entity_id   1
_entity_poly.type   'polypeptide(L)'
_entity_poly.pdbx_seq_one_letter_code
;GAGAGAGAGAGMLEVCIIGFGFSAIPLVRELARTQTEFQIISAESGSVWDRLSESGRLDFSLVSSFQTSFYSFDLVRDYE
KDYYPTAKQFYEMHERWRSVYEEKIIRDFVTKIENFKDYSLISTRSGKTYEAKHVVLATGFDRLMNTFLSNFDNHVSNKT
FVFDTMGDSANLLIAKLIPNNNKIILRTNGFTALDQEVQVLGKPFTLDQLESPNFRYVSSELYDRLMMSPVYPRTVNPAV
SYNQFPLIRRDFSWVDSKSSPPNGLIAIKYWPIDQYYYHFNDDLENYISKGYLLNDIAMWLHTGKVILVPSDTPINFDKK
TITYAGIERSFHQYVKGDAEQPRLPTILINGETPFEYLYRDTFMGVIPQRLNNIYFLGYTRPFTGGLANITEMQSLFIHK
LITQPQFHQKIHQNLSKRITAYNQHYYGAAKPRKHDHTVPFGFYTEDIARLIGIHYQPNECRSVRDLLFYYAFPNNAFKY
RLKGEYAVDGVDELIQKVNDKHDHYAQVFVQALSIRNMNSDEAAEWDHSARRFSFNDMRHKEGYRAFLDTYLKAYRQVEN
ISVDDTVVDEEWNFMVKEACQVRDKVAPNIEEKTHYSKDEDVNKGIRLILSILDSDISSLPDSNGSRGSGNLKEGDRLCK
FEAQSIEFIRRLLQPKNYELLFIRESTVSPGSHRHGETA
;
_entity_poly.pdbx_strand_id   A
#
loop_
_chem_comp.id
_chem_comp.type
_chem_comp.name
_chem_comp.formula
FAD non-polymer 'FLAVIN-ADENINE DINUCLEOTIDE' 'C27 H33 N9 O15 P2'
#
# COMPACT_ATOMS: atom_id res chain seq x y z
N MET A 12 26.43 29.40 -1.91
CA MET A 12 26.24 27.91 -1.99
C MET A 12 24.75 27.56 -1.78
N LEU A 13 24.13 26.88 -2.77
CA LEU A 13 22.78 26.24 -2.68
C LEU A 13 22.66 25.40 -1.40
N GLU A 14 21.66 25.72 -0.59
CA GLU A 14 21.34 24.97 0.64
C GLU A 14 20.76 23.61 0.20
N VAL A 15 19.71 23.65 -0.61
CA VAL A 15 19.02 22.37 -0.97
C VAL A 15 18.84 22.27 -2.48
N CYS A 16 19.22 21.11 -3.02
CA CYS A 16 18.83 20.68 -4.39
C CYS A 16 17.93 19.44 -4.32
N ILE A 17 16.76 19.57 -4.94
CA ILE A 17 15.77 18.46 -5.06
C ILE A 17 15.88 17.97 -6.49
N ILE A 18 16.17 16.68 -6.65
CA ILE A 18 16.31 16.02 -7.96
C ILE A 18 15.13 15.09 -8.11
N GLY A 19 14.28 15.39 -9.09
CA GLY A 19 13.06 14.64 -9.38
C GLY A 19 11.90 15.31 -8.71
N PHE A 20 10.89 15.63 -9.52
CA PHE A 20 9.66 16.28 -9.03
C PHE A 20 8.45 15.75 -9.80
N GLY A 21 7.69 14.91 -9.11
CA GLY A 21 6.34 14.51 -9.53
C GLY A 21 5.42 14.52 -8.34
N PHE A 22 5.57 13.55 -7.45
CA PHE A 22 4.61 13.37 -6.34
C PHE A 22 5.33 13.39 -5.00
N SER A 23 6.38 12.58 -4.84
CA SER A 23 7.05 12.37 -3.52
C SER A 23 7.58 13.68 -2.96
N ALA A 24 8.00 14.63 -3.80
CA ALA A 24 8.79 15.80 -3.36
C ALA A 24 7.89 16.92 -2.86
N ILE A 25 6.58 16.87 -3.12
CA ILE A 25 5.66 18.03 -2.87
C ILE A 25 5.67 18.45 -1.41
N PRO A 26 5.50 17.53 -0.42
CA PRO A 26 5.43 17.96 0.97
C PRO A 26 6.75 18.58 1.43
N LEU A 27 7.88 18.06 0.95
CA LEU A 27 9.19 18.58 1.38
C LEU A 27 9.30 20.01 0.84
N VAL A 28 9.05 20.17 -0.46
CA VAL A 28 9.17 21.48 -1.13
C VAL A 28 8.32 22.48 -0.35
N ARG A 29 7.11 22.07 0.05
CA ARG A 29 6.21 22.92 0.85
C ARG A 29 6.94 23.31 2.14
N GLU A 30 7.49 22.34 2.87
CA GLU A 30 8.16 22.70 4.16
C GLU A 30 9.35 23.63 3.89
N LEU A 31 10.15 23.37 2.86
CA LEU A 31 11.34 24.24 2.60
C LEU A 31 10.85 25.66 2.34
N ALA A 32 9.79 25.81 1.57
CA ALA A 32 9.20 27.11 1.24
C ALA A 32 8.78 27.78 2.55
N ARG A 33 8.17 27.02 3.47
CA ARG A 33 7.64 27.56 4.75
C ARG A 33 8.80 28.12 5.57
N THR A 34 9.89 27.37 5.69
CA THR A 34 11.10 27.83 6.44
C THR A 34 11.96 28.80 5.61
N GLN A 35 11.56 29.15 4.39
CA GLN A 35 12.39 30.00 3.48
C GLN A 35 13.81 29.43 3.43
N THR A 36 13.94 28.10 3.46
CA THR A 36 15.20 27.43 3.07
C THR A 36 15.36 27.64 1.55
N GLU A 37 16.49 28.22 1.15
CA GLU A 37 16.99 28.34 -0.26
C GLU A 37 17.01 26.94 -0.85
N PHE A 38 16.25 26.69 -1.92
CA PHE A 38 16.28 25.37 -2.60
C PHE A 38 16.07 25.53 -4.09
N GLN A 39 16.64 24.60 -4.86
CA GLN A 39 16.33 24.44 -6.31
C GLN A 39 15.84 23.00 -6.57
N ILE A 40 14.93 22.84 -7.53
CA ILE A 40 14.43 21.53 -8.04
C ILE A 40 14.99 21.39 -9.45
N ILE A 41 15.57 20.24 -9.74
CA ILE A 41 15.96 19.84 -11.12
C ILE A 41 15.12 18.62 -11.45
N SER A 42 14.41 18.64 -12.58
CA SER A 42 13.50 17.52 -12.93
C SER A 42 13.34 17.43 -14.44
N ALA A 43 13.30 16.21 -14.98
CA ALA A 43 13.29 15.92 -16.43
C ALA A 43 12.13 16.64 -17.13
N GLU A 44 12.39 17.26 -18.29
CA GLU A 44 11.36 17.71 -19.28
C GLU A 44 10.34 16.59 -19.52
N SER A 45 10.82 15.36 -19.66
CA SER A 45 10.03 14.19 -20.10
C SER A 45 9.06 13.64 -19.03
N GLY A 46 9.13 14.10 -17.76
CA GLY A 46 8.13 13.73 -16.72
C GLY A 46 8.10 12.23 -16.40
N SER A 47 6.92 11.70 -16.06
CA SER A 47 6.70 10.35 -15.46
C SER A 47 5.84 9.47 -16.38
N VAL A 48 5.64 8.21 -15.98
CA VAL A 48 4.53 7.37 -16.50
C VAL A 48 3.30 8.26 -16.67
N TRP A 49 2.98 9.08 -15.66
CA TRP A 49 1.66 9.74 -15.56
C TRP A 49 1.51 10.62 -16.79
N ASP A 50 2.63 11.21 -17.24
CA ASP A 50 2.68 12.11 -18.41
C ASP A 50 2.48 11.24 -19.63
N ARG A 51 3.13 10.07 -19.64
CA ARG A 51 2.97 8.98 -20.64
C ARG A 51 1.48 8.61 -20.75
N LEU A 52 0.89 8.20 -19.64
CA LEU A 52 -0.49 7.70 -19.58
C LEU A 52 -1.42 8.79 -20.08
N SER A 53 -1.17 10.04 -19.68
CA SER A 53 -2.00 11.23 -20.02
C SER A 53 -2.03 11.49 -21.54
N GLU A 54 -0.88 11.40 -22.22
CA GLU A 54 -0.78 11.82 -23.63
C GLU A 54 -1.31 10.70 -24.54
N SER A 55 -1.15 9.43 -24.11
CA SER A 55 -1.73 8.22 -24.74
C SER A 55 -3.21 8.02 -24.36
N GLY A 56 -3.79 8.96 -23.59
CA GLY A 56 -5.18 8.91 -23.09
C GLY A 56 -5.45 7.67 -22.25
N ARG A 57 -4.49 7.25 -21.40
CA ARG A 57 -4.58 5.98 -20.59
C ARG A 57 -4.67 6.27 -19.08
N LEU A 58 -5.15 7.45 -18.67
CA LEU A 58 -5.53 7.78 -17.25
C LEU A 58 -6.97 7.31 -17.03
N ASP A 59 -7.20 6.01 -17.22
CA ASP A 59 -8.55 5.37 -17.35
C ASP A 59 -8.69 4.29 -16.27
N PHE A 60 -8.02 4.44 -15.13
CA PHE A 60 -8.09 3.49 -14.00
C PHE A 60 -8.20 4.32 -12.73
N SER A 61 -8.24 3.65 -11.58
CA SER A 61 -8.35 4.31 -10.25
C SER A 61 -7.25 3.78 -9.35
N LEU A 62 -6.91 4.55 -8.31
CA LEU A 62 -5.88 4.13 -7.33
C LEU A 62 -6.41 2.88 -6.59
N VAL A 63 -5.50 2.03 -6.13
CA VAL A 63 -5.78 0.89 -5.21
C VAL A 63 -5.77 1.44 -3.76
N SER A 64 -5.77 2.77 -3.57
CA SER A 64 -5.53 3.38 -2.22
C SER A 64 -6.60 4.43 -1.88
N SER A 65 -7.00 4.49 -0.62
CA SER A 65 -7.98 5.48 -0.10
C SER A 65 -7.47 6.91 -0.31
N PHE A 66 -8.40 7.83 -0.52
CA PHE A 66 -8.19 9.30 -0.61
C PHE A 66 -7.34 9.75 0.57
N GLN A 67 -7.72 9.23 1.74
CA GLN A 67 -7.20 9.55 3.11
C GLN A 67 -5.69 9.29 3.14
N THR A 68 -5.23 8.33 2.34
CA THR A 68 -3.84 7.82 2.44
C THR A 68 -3.05 8.18 1.17
N SER A 69 -3.69 8.83 0.20
CA SER A 69 -3.14 8.97 -1.17
C SER A 69 -2.94 10.45 -1.52
N PHE A 70 -3.62 11.35 -0.82
CA PHE A 70 -3.43 12.81 -1.02
C PHE A 70 -2.91 13.37 0.30
N TYR A 71 -2.12 14.41 0.19
CA TYR A 71 -1.42 15.02 1.34
C TYR A 71 -2.40 15.78 2.25
N SER A 72 -2.04 15.87 3.54
CA SER A 72 -2.81 16.56 4.62
C SER A 72 -3.32 17.92 4.13
N PHE A 73 -2.49 18.70 3.45
CA PHE A 73 -2.76 20.12 3.10
C PHE A 73 -3.75 20.21 1.94
N ASP A 74 -3.99 19.08 1.29
CA ASP A 74 -5.11 18.89 0.34
C ASP A 74 -6.35 18.32 1.06
N LEU A 75 -6.17 17.31 1.92
CA LEU A 75 -7.30 16.54 2.50
C LEU A 75 -8.11 17.49 3.37
N VAL A 76 -7.40 18.38 4.01
CA VAL A 76 -7.91 19.44 4.93
C VAL A 76 -8.94 20.32 4.19
N ARG A 77 -8.81 20.46 2.88
CA ARG A 77 -9.68 21.31 2.04
C ARG A 77 -10.79 20.49 1.40
N ASP A 78 -10.45 19.30 0.88
CA ASP A 78 -11.22 18.56 -0.14
C ASP A 78 -11.78 17.23 0.39
N TYR A 79 -11.42 16.80 1.61
CA TYR A 79 -12.01 15.57 2.21
C TYR A 79 -13.46 15.83 2.60
N GLU A 80 -14.38 15.06 1.99
CA GLU A 80 -15.85 15.07 2.22
C GLU A 80 -16.28 13.68 2.68
N LYS A 81 -15.81 12.65 1.96
CA LYS A 81 -16.17 11.23 2.19
C LYS A 81 -14.93 10.39 1.85
N ASP A 82 -14.90 9.11 2.20
CA ASP A 82 -13.89 8.18 1.61
C ASP A 82 -14.33 7.86 0.19
N TYR A 83 -13.38 7.85 -0.73
CA TYR A 83 -13.54 7.29 -2.09
C TYR A 83 -12.14 7.04 -2.65
N TYR A 84 -12.07 6.20 -3.68
CA TYR A 84 -10.83 5.88 -4.43
C TYR A 84 -10.69 6.96 -5.49
N PRO A 85 -9.63 7.79 -5.39
CA PRO A 85 -9.36 8.79 -6.41
C PRO A 85 -9.07 8.05 -7.71
N THR A 86 -9.39 8.68 -8.83
CA THR A 86 -9.04 8.18 -10.18
C THR A 86 -7.58 8.51 -10.48
N ALA A 87 -6.97 7.74 -11.39
CA ALA A 87 -5.67 8.05 -12.02
C ALA A 87 -5.67 9.51 -12.46
N LYS A 88 -6.75 9.93 -13.13
CA LYS A 88 -6.89 11.28 -13.71
C LYS A 88 -6.74 12.30 -12.57
N GLN A 89 -7.53 12.12 -11.52
CA GLN A 89 -7.54 13.03 -10.33
C GLN A 89 -6.16 13.05 -9.66
N PHE A 90 -5.51 11.88 -9.54
CA PHE A 90 -4.13 11.78 -8.99
C PHE A 90 -3.21 12.65 -9.84
N TYR A 91 -3.26 12.47 -11.15
CA TYR A 91 -2.41 13.26 -12.08
C TYR A 91 -2.74 14.75 -11.95
N GLU A 92 -4.03 15.11 -11.99
CA GLU A 92 -4.45 16.54 -11.86
C GLU A 92 -3.77 17.17 -10.63
N MET A 93 -3.71 16.42 -9.55
CA MET A 93 -3.15 16.89 -8.27
C MET A 93 -1.62 17.06 -8.41
N HIS A 94 -0.91 16.14 -9.07
CA HIS A 94 0.54 16.35 -9.31
C HIS A 94 0.73 17.65 -10.13
N GLU A 95 -0.17 17.90 -11.08
CA GLU A 95 -0.07 18.98 -12.09
C GLU A 95 -0.41 20.32 -11.45
N ARG A 96 -1.41 20.35 -10.56
CA ARG A 96 -1.71 21.55 -9.72
C ARG A 96 -0.46 21.93 -8.91
N TRP A 97 0.14 20.98 -8.21
CA TRP A 97 1.36 21.23 -7.38
C TRP A 97 2.59 21.48 -8.27
N ARG A 98 2.77 20.79 -9.39
CA ARG A 98 3.84 21.18 -10.35
C ARG A 98 3.71 22.67 -10.74
N SER A 99 2.52 23.09 -11.20
CA SER A 99 2.17 24.48 -11.58
C SER A 99 2.61 25.45 -10.47
N VAL A 100 2.31 25.11 -9.21
CA VAL A 100 2.65 25.98 -8.05
C VAL A 100 4.18 26.16 -7.98
N TYR A 101 4.97 25.09 -8.14
CA TYR A 101 6.43 25.15 -7.85
C TYR A 101 7.25 25.20 -9.16
N GLU A 102 6.61 25.36 -10.32
CA GLU A 102 7.31 25.27 -11.63
C GLU A 102 8.50 26.27 -11.66
N GLU A 103 8.31 27.49 -11.17
CA GLU A 103 9.36 28.55 -11.19
C GLU A 103 10.66 28.08 -10.51
N LYS A 104 10.55 27.13 -9.58
CA LYS A 104 11.66 26.65 -8.72
C LYS A 104 12.23 25.38 -9.33
N ILE A 105 11.65 24.95 -10.45
CA ILE A 105 12.06 23.70 -11.16
C ILE A 105 12.93 24.09 -12.36
N ILE A 106 14.15 23.53 -12.45
CA ILE A 106 14.97 23.55 -13.68
C ILE A 106 14.69 22.25 -14.45
N ARG A 107 14.21 22.38 -15.69
CA ARG A 107 13.93 21.22 -16.59
C ARG A 107 15.25 20.77 -17.18
N ASP A 108 15.88 19.80 -16.51
CA ASP A 108 17.13 19.13 -16.95
C ASP A 108 17.14 17.75 -16.29
N PHE A 109 18.11 16.93 -16.63
CA PHE A 109 18.23 15.53 -16.16
C PHE A 109 19.59 15.37 -15.48
N VAL A 110 19.60 14.95 -14.23
CA VAL A 110 20.85 14.72 -13.50
C VAL A 110 21.42 13.34 -13.84
N THR A 111 22.71 13.30 -14.18
CA THR A 111 23.46 12.16 -14.75
C THR A 111 24.48 11.68 -13.73
N LYS A 112 24.84 12.50 -12.76
CA LYS A 112 25.90 12.11 -11.80
C LYS A 112 25.84 13.02 -10.58
N ILE A 113 26.15 12.46 -9.42
CA ILE A 113 26.33 13.28 -8.19
C ILE A 113 27.66 12.90 -7.58
N GLU A 114 28.53 13.90 -7.43
CA GLU A 114 29.83 13.76 -6.74
C GLU A 114 29.63 14.32 -5.34
N ASN A 115 29.66 13.42 -4.35
CA ASN A 115 29.42 13.77 -2.95
C ASN A 115 30.77 14.02 -2.25
N PHE A 116 30.90 15.18 -1.62
CA PHE A 116 32.09 15.61 -0.85
C PHE A 116 31.77 15.51 0.66
N LYS A 117 32.33 16.40 1.49
CA LYS A 117 32.26 16.29 2.97
C LYS A 117 31.01 16.99 3.48
N ASP A 118 30.64 18.12 2.89
CA ASP A 118 29.50 18.96 3.30
C ASP A 118 28.84 19.59 2.06
N TYR A 119 28.99 18.96 0.89
CA TYR A 119 28.35 19.40 -0.38
C TYR A 119 28.41 18.30 -1.44
N SER A 120 27.61 18.49 -2.49
CA SER A 120 27.58 17.60 -3.66
C SER A 120 27.72 18.41 -4.95
N LEU A 121 28.41 17.84 -5.93
CA LEU A 121 28.49 18.36 -7.32
C LEU A 121 27.51 17.55 -8.18
N ILE A 122 26.56 18.25 -8.77
CA ILE A 122 25.47 17.61 -9.56
C ILE A 122 25.73 17.93 -11.03
N SER A 123 25.85 16.89 -11.84
CA SER A 123 26.06 17.02 -13.30
C SER A 123 24.76 16.69 -14.02
N THR A 124 24.48 17.45 -15.09
CA THR A 124 23.24 17.32 -15.90
C THR A 124 23.58 16.94 -17.33
N ARG A 125 22.56 16.64 -18.14
CA ARG A 125 22.69 16.26 -19.55
C ARG A 125 22.93 17.53 -20.37
N SER A 126 22.50 18.68 -19.86
CA SER A 126 22.76 19.98 -20.51
C SER A 126 24.27 20.31 -20.41
N GLY A 127 24.94 19.81 -19.36
CA GLY A 127 26.34 20.09 -19.03
C GLY A 127 26.43 21.11 -17.91
N LYS A 128 25.32 21.76 -17.56
CA LYS A 128 25.28 22.70 -16.41
C LYS A 128 25.55 21.89 -15.13
N THR A 129 26.35 22.45 -14.23
CA THR A 129 26.82 21.86 -12.97
C THR A 129 26.13 22.63 -11.84
N TYR A 130 25.87 21.99 -10.70
CA TYR A 130 25.22 22.59 -9.50
C TYR A 130 25.92 22.05 -8.24
N GLU A 131 26.24 22.97 -7.33
CA GLU A 131 26.78 22.68 -5.98
C GLU A 131 25.65 22.86 -4.96
N ALA A 132 25.53 21.94 -4.03
CA ALA A 132 24.40 21.94 -3.08
C ALA A 132 24.85 21.23 -1.82
N LYS A 133 24.59 21.88 -0.70
CA LYS A 133 24.93 21.41 0.66
C LYS A 133 24.12 20.13 0.88
N HIS A 134 22.79 20.25 0.76
CA HIS A 134 21.80 19.16 0.99
C HIS A 134 21.18 18.74 -0.36
N VAL A 135 21.18 17.43 -0.64
CA VAL A 135 20.67 16.89 -1.93
C VAL A 135 19.65 15.81 -1.64
N VAL A 136 18.45 15.98 -2.17
CA VAL A 136 17.35 14.98 -2.01
C VAL A 136 17.05 14.34 -3.36
N LEU A 137 16.99 13.01 -3.40
CA LEU A 137 16.56 12.27 -4.61
C LEU A 137 15.07 11.96 -4.45
N ALA A 138 14.25 12.31 -5.44
CA ALA A 138 12.80 12.00 -5.51
C ALA A 138 12.40 11.64 -6.95
N THR A 139 13.14 10.69 -7.52
CA THR A 139 13.15 10.31 -8.95
C THR A 139 12.30 9.07 -9.20
N GLY A 140 11.69 8.52 -8.14
CA GLY A 140 10.84 7.33 -8.22
C GLY A 140 11.56 6.18 -8.92
N PHE A 141 10.80 5.27 -9.52
CA PHE A 141 11.29 3.96 -9.95
C PHE A 141 11.04 3.79 -11.45
N ASP A 142 11.98 3.15 -12.16
CA ASP A 142 11.69 2.46 -13.45
C ASP A 142 10.99 1.14 -13.15
N ARG A 143 9.92 0.87 -13.90
CA ARG A 143 9.03 -0.31 -13.72
C ARG A 143 8.83 -0.94 -15.10
N LEU A 144 9.37 -2.15 -15.26
CA LEU A 144 9.26 -3.01 -16.48
C LEU A 144 7.84 -2.92 -17.07
N MET A 145 6.81 -2.89 -16.22
CA MET A 145 5.40 -3.07 -16.59
C MET A 145 4.80 -1.79 -17.18
N ASN A 146 5.50 -0.65 -17.04
CA ASN A 146 4.97 0.67 -17.44
C ASN A 146 4.59 0.63 -18.94
N THR A 147 5.36 -0.08 -19.75
CA THR A 147 5.10 -0.26 -21.21
C THR A 147 3.67 -0.76 -21.45
N PHE A 148 3.26 -1.76 -20.66
CA PHE A 148 2.02 -2.54 -20.89
C PHE A 148 0.79 -1.67 -20.62
N LEU A 149 0.92 -0.76 -19.65
CA LEU A 149 -0.10 0.27 -19.34
C LEU A 149 0.08 1.45 -20.31
N SER A 150 1.33 1.90 -20.51
CA SER A 150 1.74 3.01 -21.43
C SER A 150 1.17 2.80 -22.84
N ASN A 151 1.44 1.63 -23.43
CA ASN A 151 1.46 1.44 -24.90
C ASN A 151 0.58 0.25 -25.31
N PHE A 152 0.78 -0.90 -24.67
CA PHE A 152 0.18 -2.19 -25.06
C PHE A 152 -1.33 -2.04 -25.34
N ASP A 153 -1.78 -2.81 -26.34
CA ASP A 153 -3.08 -2.66 -27.01
C ASP A 153 -4.17 -3.26 -26.13
N ASN A 154 -5.22 -2.47 -25.83
CA ASN A 154 -6.44 -2.92 -25.11
C ASN A 154 -7.57 -2.89 -26.16
N HIS A 155 -7.31 -3.60 -27.27
CA HIS A 155 -8.21 -3.89 -28.40
C HIS A 155 -8.03 -5.35 -28.85
N VAL A 156 -7.16 -6.12 -28.19
CA VAL A 156 -6.81 -7.54 -28.54
C VAL A 156 -7.73 -8.48 -27.76
N SER A 157 -8.14 -9.60 -28.37
CA SER A 157 -9.21 -10.51 -27.86
C SER A 157 -8.83 -11.99 -28.04
N ASN A 158 -9.33 -12.86 -27.15
CA ASN A 158 -9.36 -14.34 -27.31
C ASN A 158 -7.94 -14.92 -27.33
N LYS A 159 -6.98 -14.23 -26.71
CA LYS A 159 -5.59 -14.74 -26.63
C LYS A 159 -5.35 -15.20 -25.19
N THR A 160 -4.33 -16.01 -25.00
CA THR A 160 -3.89 -16.53 -23.67
C THR A 160 -2.65 -15.72 -23.22
N PHE A 161 -2.69 -15.08 -22.03
CA PHE A 161 -1.55 -14.40 -21.36
C PHE A 161 -1.05 -15.29 -20.23
N VAL A 162 0.25 -15.38 -20.09
CA VAL A 162 0.89 -16.06 -18.93
C VAL A 162 1.63 -14.98 -18.13
N PHE A 163 1.23 -14.77 -16.87
CA PHE A 163 1.90 -13.83 -15.93
C PHE A 163 2.75 -14.65 -14.96
N ASP A 164 3.99 -14.24 -14.74
CA ASP A 164 4.97 -14.89 -13.84
C ASP A 164 4.78 -14.38 -12.40
N THR A 165 4.29 -13.16 -12.22
CA THR A 165 4.12 -12.58 -10.87
C THR A 165 2.83 -11.78 -10.83
N MET A 166 2.15 -11.82 -9.70
CA MET A 166 0.99 -10.94 -9.43
C MET A 166 1.50 -9.69 -8.68
N GLY A 167 1.16 -8.51 -9.18
CA GLY A 167 1.41 -7.22 -8.52
C GLY A 167 0.30 -6.30 -8.93
N ASP A 168 0.41 -5.01 -8.62
CA ASP A 168 -0.69 -4.05 -8.86
C ASP A 168 -0.87 -3.87 -10.38
N SER A 169 0.23 -3.77 -11.12
CA SER A 169 0.18 -3.55 -12.59
C SER A 169 -0.41 -4.78 -13.30
N ALA A 170 0.04 -5.99 -12.97
CA ALA A 170 -0.52 -7.24 -13.53
C ALA A 170 -2.04 -7.24 -13.33
N ASN A 171 -2.52 -6.84 -12.14
CA ASN A 171 -3.96 -6.88 -11.79
C ASN A 171 -4.73 -5.85 -12.63
N LEU A 172 -4.17 -4.67 -12.83
CA LEU A 172 -4.83 -3.63 -13.64
C LEU A 172 -4.90 -4.09 -15.09
N LEU A 173 -3.81 -4.67 -15.60
CA LEU A 173 -3.74 -5.16 -17.01
C LEU A 173 -4.76 -6.29 -17.20
N ILE A 174 -4.75 -7.26 -16.28
CA ILE A 174 -5.72 -8.38 -16.25
C ILE A 174 -7.12 -7.74 -16.23
N ALA A 175 -7.38 -6.79 -15.35
CA ALA A 175 -8.69 -6.10 -15.31
C ALA A 175 -9.09 -5.74 -16.76
N LYS A 176 -8.13 -5.29 -17.58
CA LYS A 176 -8.38 -4.71 -18.93
C LYS A 176 -8.50 -5.84 -19.97
N LEU A 177 -7.89 -6.99 -19.71
CA LEU A 177 -7.84 -8.11 -20.68
C LEU A 177 -9.07 -9.03 -20.61
N ILE A 178 -9.63 -9.26 -19.41
CA ILE A 178 -10.85 -10.10 -19.19
C ILE A 178 -11.98 -9.70 -20.14
N PRO A 179 -12.42 -8.42 -20.21
CA PRO A 179 -13.60 -8.07 -20.99
C PRO A 179 -13.50 -8.37 -22.48
N ASN A 180 -12.30 -8.74 -22.96
CA ASN A 180 -12.06 -9.19 -24.36
C ASN A 180 -11.81 -10.71 -24.40
N ASN A 181 -12.42 -11.47 -23.49
CA ASN A 181 -12.31 -12.96 -23.46
C ASN A 181 -10.84 -13.38 -23.58
N ASN A 182 -9.89 -12.52 -23.18
CA ASN A 182 -8.50 -12.99 -22.95
C ASN A 182 -8.48 -13.92 -21.74
N LYS A 183 -7.76 -15.02 -21.86
CA LYS A 183 -7.65 -16.08 -20.85
C LYS A 183 -6.35 -15.85 -20.06
N ILE A 184 -6.41 -15.92 -18.74
CA ILE A 184 -5.29 -15.43 -17.90
C ILE A 184 -4.75 -16.59 -17.08
N ILE A 185 -3.50 -16.93 -17.30
CA ILE A 185 -2.78 -17.99 -16.52
C ILE A 185 -1.74 -17.27 -15.67
N LEU A 186 -1.78 -17.48 -14.35
CA LEU A 186 -0.75 -17.07 -13.36
C LEU A 186 0.11 -18.29 -13.04
N ARG A 187 1.30 -18.29 -13.59
CA ARG A 187 2.38 -19.23 -13.24
C ARG A 187 3.21 -18.54 -12.16
N THR A 188 2.89 -18.76 -10.89
CA THR A 188 3.32 -17.85 -9.79
C THR A 188 3.80 -18.66 -8.57
N ASN A 189 4.54 -18.03 -7.64
CA ASN A 189 4.97 -18.70 -6.36
C ASN A 189 4.08 -18.19 -5.20
N GLY A 190 2.80 -17.93 -5.51
CA GLY A 190 1.77 -17.36 -4.62
C GLY A 190 1.61 -15.85 -4.75
N PHE A 191 0.49 -15.29 -4.26
CA PHE A 191 0.38 -13.82 -4.07
C PHE A 191 -0.65 -13.49 -2.98
N THR A 192 -0.38 -12.41 -2.27
CA THR A 192 -1.28 -11.80 -1.27
C THR A 192 -2.12 -10.74 -1.95
N ALA A 193 -3.42 -11.00 -2.05
CA ALA A 193 -4.48 -10.09 -2.55
C ALA A 193 -5.42 -9.78 -1.39
N LEU A 194 -5.88 -8.54 -1.32
CA LEU A 194 -6.69 -8.03 -0.18
C LEU A 194 -7.77 -7.11 -0.74
N ASP A 195 -9.03 -7.46 -0.52
CA ASP A 195 -10.15 -6.54 -0.83
C ASP A 195 -9.75 -5.14 -0.36
N GLN A 196 -9.78 -4.14 -1.23
CA GLN A 196 -9.31 -2.79 -0.88
C GLN A 196 -10.35 -2.17 0.05
N GLU A 197 -11.59 -2.66 -0.04
CA GLU A 197 -12.76 -2.13 0.73
C GLU A 197 -13.52 -3.31 1.35
N VAL A 198 -14.03 -3.08 2.55
CA VAL A 198 -14.55 -4.13 3.47
C VAL A 198 -15.83 -3.59 4.08
N GLN A 199 -16.81 -4.46 4.33
CA GLN A 199 -18.04 -4.13 5.07
C GLN A 199 -17.72 -4.33 6.56
N VAL A 200 -18.10 -3.34 7.38
CA VAL A 200 -18.13 -3.44 8.87
C VAL A 200 -19.56 -3.07 9.29
N LEU A 201 -20.31 -4.02 9.85
CA LEU A 201 -21.77 -3.93 10.06
C LEU A 201 -22.40 -3.19 8.87
N GLY A 202 -22.04 -3.61 7.65
CA GLY A 202 -22.63 -3.11 6.39
C GLY A 202 -22.17 -1.71 5.98
N LYS A 203 -21.19 -1.10 6.65
CA LYS A 203 -20.65 0.24 6.28
C LYS A 203 -19.30 0.03 5.59
N PRO A 204 -18.98 0.76 4.49
CA PRO A 204 -17.72 0.57 3.77
C PRO A 204 -16.51 1.16 4.48
N PHE A 205 -15.50 0.32 4.70
CA PHE A 205 -14.19 0.71 5.23
C PHE A 205 -13.11 0.25 4.27
N THR A 206 -12.26 1.18 3.82
CA THR A 206 -11.05 0.83 3.04
C THR A 206 -10.17 0.04 4.01
N LEU A 207 -9.46 -0.96 3.54
CA LEU A 207 -8.73 -1.90 4.45
C LEU A 207 -7.77 -1.15 5.39
N ASP A 208 -7.23 0.00 4.97
CA ASP A 208 -6.27 0.83 5.74
C ASP A 208 -6.90 1.44 7.00
N GLN A 209 -8.23 1.50 7.06
CA GLN A 209 -9.00 2.02 8.22
C GLN A 209 -9.00 1.02 9.38
N LEU A 210 -8.56 -0.21 9.15
CA LEU A 210 -8.85 -1.32 10.08
C LEU A 210 -7.57 -1.98 10.60
N GLU A 211 -6.45 -1.25 10.60
CA GLU A 211 -5.10 -1.81 10.85
C GLU A 211 -4.68 -1.48 12.28
N SER A 212 -5.29 -0.45 12.88
CA SER A 212 -5.01 -0.03 14.27
C SER A 212 -3.59 -0.44 14.65
N PRO A 213 -2.59 0.06 13.91
CA PRO A 213 -1.21 -0.39 14.06
C PRO A 213 -0.55 -0.24 15.43
N ASN A 214 -0.95 0.77 16.19
CA ASN A 214 -0.29 1.08 17.49
C ASN A 214 -0.57 -0.05 18.49
N PHE A 215 -1.54 -0.91 18.21
CA PHE A 215 -1.79 -2.14 19.00
C PHE A 215 -0.52 -3.02 19.04
N ARG A 216 0.44 -2.87 18.14
CA ARG A 216 1.72 -3.62 18.25
C ARG A 216 2.42 -3.33 19.59
N TYR A 217 2.28 -2.12 20.10
CA TYR A 217 2.88 -1.65 21.37
C TYR A 217 2.31 -2.42 22.56
N VAL A 218 1.13 -3.00 22.41
CA VAL A 218 0.55 -3.89 23.46
C VAL A 218 1.31 -5.20 23.49
N SER A 219 1.47 -5.81 22.30
CA SER A 219 2.38 -6.95 22.03
C SER A 219 2.35 -7.28 20.55
N SER A 220 3.48 -7.76 20.06
CA SER A 220 3.65 -8.43 18.74
C SER A 220 2.53 -9.44 18.54
N GLU A 221 2.35 -10.31 19.54
CA GLU A 221 1.50 -11.52 19.49
C GLU A 221 0.08 -11.10 19.16
N LEU A 222 -0.42 -10.08 19.86
CA LEU A 222 -1.81 -9.64 19.67
C LEU A 222 -1.93 -9.00 18.29
N TYR A 223 -0.97 -8.17 17.90
CA TYR A 223 -1.09 -7.40 16.65
C TYR A 223 -1.06 -8.42 15.53
N ASP A 224 -0.23 -9.46 15.68
CA ASP A 224 -0.12 -10.59 14.73
C ASP A 224 -1.48 -11.28 14.48
N ARG A 225 -2.25 -11.61 15.52
CA ARG A 225 -3.54 -12.37 15.30
C ARG A 225 -4.63 -11.37 14.88
N LEU A 226 -4.46 -10.11 15.22
CA LEU A 226 -5.23 -8.95 14.71
C LEU A 226 -5.15 -8.95 13.19
N MET A 227 -3.98 -9.27 12.60
CA MET A 227 -3.72 -8.84 11.20
C MET A 227 -3.53 -10.00 10.23
N MET A 228 -3.02 -11.17 10.64
CA MET A 228 -2.27 -12.02 9.68
C MET A 228 -3.05 -13.22 9.15
N SER A 229 -4.23 -13.54 9.68
CA SER A 229 -5.00 -14.77 9.28
C SER A 229 -5.43 -14.67 7.82
N PRO A 230 -5.74 -13.46 7.30
CA PRO A 230 -6.02 -13.32 5.88
C PRO A 230 -4.80 -13.45 4.96
N VAL A 231 -3.56 -13.43 5.51
CA VAL A 231 -2.30 -13.41 4.72
C VAL A 231 -1.60 -14.77 4.89
N TYR A 232 -1.35 -15.19 6.13
CA TYR A 232 -0.92 -16.58 6.40
C TYR A 232 -2.14 -17.51 6.35
N PRO A 233 -1.94 -18.78 5.94
CA PRO A 233 -3.01 -19.75 5.78
C PRO A 233 -3.33 -20.48 7.09
N ARG A 234 -4.03 -19.79 8.01
CA ARG A 234 -4.22 -20.18 9.42
C ARG A 234 -5.62 -20.75 9.63
N THR A 235 -6.61 -20.30 8.87
CA THR A 235 -8.01 -20.81 8.96
C THR A 235 -8.19 -21.98 8.00
N VAL A 236 -9.02 -22.94 8.39
CA VAL A 236 -9.52 -24.07 7.54
C VAL A 236 -10.91 -23.70 6.97
N ASN A 237 -11.40 -22.50 7.23
CA ASN A 237 -12.70 -22.03 6.65
C ASN A 237 -12.63 -22.23 5.15
N PRO A 238 -13.56 -23.00 4.56
CA PRO A 238 -13.53 -23.25 3.11
C PRO A 238 -14.04 -22.09 2.27
N ALA A 239 -14.56 -21.03 2.87
CA ALA A 239 -14.95 -19.81 2.12
C ALA A 239 -13.73 -18.99 1.66
N VAL A 240 -12.51 -19.24 2.13
CA VAL A 240 -11.37 -18.29 1.89
C VAL A 240 -10.58 -18.73 0.65
N SER A 241 -10.14 -17.75 -0.15
CA SER A 241 -9.48 -17.96 -1.46
C SER A 241 -8.28 -18.90 -1.29
N TYR A 242 -7.57 -18.87 -0.16
CA TYR A 242 -6.30 -19.63 -0.02
C TYR A 242 -6.56 -21.09 0.41
N ASN A 243 -7.83 -21.47 0.62
CA ASN A 243 -8.24 -22.87 0.86
C ASN A 243 -8.88 -23.41 -0.43
N GLN A 244 -9.69 -22.59 -1.09
CA GLN A 244 -10.34 -22.92 -2.38
C GLN A 244 -9.27 -23.07 -3.45
N PHE A 245 -8.18 -22.31 -3.38
CA PHE A 245 -7.19 -22.21 -4.47
C PHE A 245 -5.81 -22.14 -3.86
N PRO A 246 -5.28 -23.25 -3.30
CA PRO A 246 -4.09 -23.20 -2.47
C PRO A 246 -2.85 -22.70 -3.25
N LEU A 247 -2.93 -22.53 -4.56
CA LEU A 247 -1.75 -22.08 -5.38
C LEU A 247 -1.38 -20.64 -4.98
N ILE A 248 -2.36 -19.78 -4.60
CA ILE A 248 -2.11 -18.38 -4.10
C ILE A 248 -1.32 -18.40 -2.79
N ARG A 249 -1.18 -19.54 -2.10
CA ARG A 249 -0.36 -19.62 -0.88
C ARG A 249 1.10 -19.30 -1.26
N ARG A 250 1.83 -18.66 -0.35
CA ARG A 250 3.19 -18.15 -0.61
C ARG A 250 4.15 -18.91 0.31
N ASP A 251 5.43 -18.92 -0.05
CA ASP A 251 6.51 -19.36 0.84
C ASP A 251 6.91 -18.14 1.67
N PHE A 252 6.54 -18.12 2.97
CA PHE A 252 6.83 -17.06 3.96
C PHE A 252 8.00 -17.47 4.88
N SER A 253 8.66 -18.60 4.63
CA SER A 253 9.75 -19.14 5.51
C SER A 253 10.91 -18.13 5.63
N TRP A 254 11.01 -17.18 4.69
CA TRP A 254 11.96 -16.02 4.71
C TRP A 254 11.65 -15.05 5.85
N VAL A 255 10.42 -14.94 6.35
CA VAL A 255 10.11 -13.97 7.44
C VAL A 255 10.87 -14.38 8.70
N ASP A 256 11.76 -13.51 9.21
CA ASP A 256 12.51 -13.74 10.47
C ASP A 256 12.43 -12.50 11.36
N SER A 257 11.23 -12.06 11.71
CA SER A 257 10.96 -10.89 12.59
C SER A 257 9.68 -11.17 13.36
N LYS A 258 9.58 -10.63 14.58
CA LYS A 258 8.36 -10.65 15.44
C LYS A 258 7.36 -9.57 14.98
N SER A 259 7.81 -8.55 14.24
CA SER A 259 6.96 -7.43 13.77
C SER A 259 6.20 -7.91 12.53
N SER A 260 4.90 -8.06 12.68
CA SER A 260 3.94 -8.48 11.64
C SER A 260 2.96 -7.35 11.41
N PRO A 261 2.41 -7.18 10.19
CA PRO A 261 2.92 -7.84 8.99
C PRO A 261 4.37 -7.41 8.75
N PRO A 262 5.22 -8.28 8.18
CA PRO A 262 6.64 -8.00 8.12
C PRO A 262 6.91 -6.96 7.02
N ASN A 263 7.96 -6.15 7.25
CA ASN A 263 8.60 -5.41 6.14
C ASN A 263 8.85 -6.44 5.01
N GLY A 264 8.59 -6.04 3.78
CA GLY A 264 8.91 -6.88 2.61
C GLY A 264 7.73 -7.75 2.19
N LEU A 265 6.64 -7.73 2.94
CA LEU A 265 5.34 -8.33 2.52
C LEU A 265 4.68 -7.34 1.57
N ILE A 266 4.42 -7.75 0.33
CA ILE A 266 3.65 -6.93 -0.65
C ILE A 266 2.27 -7.59 -0.83
N ALA A 267 1.29 -6.81 -1.28
CA ALA A 267 -0.09 -7.28 -1.57
C ALA A 267 -0.70 -6.47 -2.70
N ILE A 268 -1.53 -7.11 -3.52
CA ILE A 268 -2.42 -6.34 -4.42
C ILE A 268 -3.71 -6.09 -3.64
N LYS A 269 -4.16 -4.85 -3.69
CA LYS A 269 -5.46 -4.41 -3.16
C LYS A 269 -6.40 -4.35 -4.38
N TYR A 270 -7.64 -4.81 -4.26
CA TYR A 270 -8.56 -4.99 -5.41
C TYR A 270 -10.00 -4.72 -4.97
N TRP A 271 -10.85 -4.26 -5.90
CA TRP A 271 -12.32 -4.18 -5.70
C TRP A 271 -12.88 -5.59 -5.59
N PRO A 272 -13.45 -5.99 -4.45
CA PRO A 272 -14.28 -7.20 -4.41
C PRO A 272 -15.60 -6.75 -5.06
N ILE A 273 -16.21 -7.62 -5.87
CA ILE A 273 -17.36 -7.27 -6.75
C ILE A 273 -18.53 -6.76 -5.91
N ASP A 274 -18.71 -7.23 -4.67
CA ASP A 274 -19.90 -6.78 -3.87
C ASP A 274 -19.77 -5.26 -3.60
N GLN A 275 -18.57 -4.83 -3.17
CA GLN A 275 -18.32 -3.40 -2.80
C GLN A 275 -18.37 -2.60 -4.09
N TYR A 276 -17.78 -3.14 -5.15
CA TYR A 276 -17.83 -2.51 -6.50
C TYR A 276 -19.30 -2.30 -6.87
N TYR A 277 -20.11 -3.36 -6.75
CA TYR A 277 -21.58 -3.27 -6.99
C TYR A 277 -22.15 -2.14 -6.15
N TYR A 278 -22.03 -2.23 -4.82
CA TYR A 278 -22.57 -1.22 -3.85
C TYR A 278 -22.26 0.20 -4.34
N HIS A 279 -21.07 0.42 -4.90
CA HIS A 279 -20.55 1.77 -5.24
C HIS A 279 -21.07 2.22 -6.60
N PHE A 280 -21.12 1.33 -7.60
CA PHE A 280 -21.14 1.76 -9.02
C PHE A 280 -22.33 1.24 -9.80
N ASN A 281 -23.21 0.42 -9.22
CA ASN A 281 -24.30 -0.28 -9.96
C ASN A 281 -25.23 0.72 -10.66
N ASP A 282 -25.47 1.92 -10.07
CA ASP A 282 -26.60 2.82 -10.49
C ASP A 282 -26.16 3.87 -11.52
N ASP A 283 -24.91 3.80 -12.00
CA ASP A 283 -24.35 4.73 -13.02
C ASP A 283 -23.09 4.09 -13.63
N LEU A 284 -23.22 2.84 -14.08
CA LEU A 284 -22.11 1.88 -14.29
C LEU A 284 -21.14 2.42 -15.33
N GLU A 285 -21.62 2.71 -16.55
CA GLU A 285 -20.73 3.05 -17.70
C GLU A 285 -20.02 4.35 -17.33
N ASN A 286 -20.77 5.26 -16.73
CA ASN A 286 -20.22 6.55 -16.29
C ASN A 286 -19.07 6.27 -15.32
N TYR A 287 -19.29 5.39 -14.34
CA TYR A 287 -18.27 5.06 -13.31
C TYR A 287 -17.07 4.37 -13.96
N ILE A 288 -17.33 3.49 -14.93
CA ILE A 288 -16.25 2.77 -15.64
C ILE A 288 -15.35 3.80 -16.33
N SER A 289 -15.96 4.74 -17.04
CA SER A 289 -15.26 5.67 -17.98
C SER A 289 -14.52 6.73 -17.16
N LYS A 290 -14.86 6.93 -15.89
CA LYS A 290 -14.05 7.75 -14.95
C LYS A 290 -12.79 6.98 -14.50
N GLY A 291 -12.80 5.65 -14.60
CA GLY A 291 -11.64 4.78 -14.29
C GLY A 291 -11.87 3.78 -13.16
N TYR A 292 -13.11 3.61 -12.71
CA TYR A 292 -13.44 2.55 -11.72
C TYR A 292 -13.61 1.27 -12.53
N LEU A 293 -12.56 0.46 -12.54
CA LEU A 293 -12.50 -0.84 -13.23
C LEU A 293 -12.64 -1.99 -12.24
N LEU A 294 -13.34 -3.05 -12.63
CA LEU A 294 -13.49 -4.22 -11.75
C LEU A 294 -12.24 -5.06 -11.92
N ASN A 295 -11.53 -5.29 -10.82
CA ASN A 295 -10.22 -5.96 -10.80
C ASN A 295 -10.24 -7.08 -9.75
N ASP A 296 -11.37 -7.77 -9.66
CA ASP A 296 -11.67 -8.74 -8.58
C ASP A 296 -11.01 -10.07 -8.93
N ILE A 297 -9.77 -10.24 -8.50
CA ILE A 297 -8.95 -11.44 -8.79
C ILE A 297 -9.64 -12.69 -8.25
N ALA A 298 -10.31 -12.57 -7.08
CA ALA A 298 -11.03 -13.64 -6.39
C ALA A 298 -12.21 -14.08 -7.26
N MET A 299 -13.00 -13.13 -7.74
CA MET A 299 -14.04 -13.39 -8.74
C MET A 299 -13.40 -14.01 -9.99
N TRP A 300 -12.25 -13.52 -10.46
CA TRP A 300 -11.65 -14.05 -11.71
C TRP A 300 -11.35 -15.55 -11.53
N LEU A 301 -10.80 -15.95 -10.40
CA LEU A 301 -10.51 -17.37 -10.03
C LEU A 301 -11.80 -18.19 -9.90
N HIS A 302 -12.82 -17.66 -9.22
CA HIS A 302 -14.14 -18.29 -9.00
C HIS A 302 -14.71 -18.71 -10.36
N THR A 303 -14.79 -17.75 -11.27
CA THR A 303 -15.42 -17.92 -12.61
C THR A 303 -14.41 -18.48 -13.61
N GLY A 304 -13.15 -18.66 -13.21
CA GLY A 304 -12.10 -19.24 -14.07
C GLY A 304 -11.66 -18.32 -15.21
N LYS A 305 -11.93 -17.02 -15.17
CA LYS A 305 -11.37 -16.08 -16.19
C LYS A 305 -9.87 -15.91 -15.95
N VAL A 306 -9.38 -16.38 -14.80
CA VAL A 306 -7.94 -16.55 -14.46
C VAL A 306 -7.79 -17.94 -13.86
N ILE A 307 -6.67 -18.60 -14.10
CA ILE A 307 -6.31 -19.85 -13.36
C ILE A 307 -4.92 -19.70 -12.75
N LEU A 308 -4.72 -20.36 -11.62
CA LEU A 308 -3.39 -20.59 -11.02
C LEU A 308 -2.88 -21.95 -11.53
N VAL A 309 -1.64 -21.98 -11.98
CA VAL A 309 -0.93 -23.24 -12.31
C VAL A 309 0.29 -23.27 -11.42
N PRO A 310 0.90 -24.45 -11.16
CA PRO A 310 2.09 -24.49 -10.30
C PRO A 310 3.25 -23.63 -10.84
N SER A 311 4.11 -23.13 -9.95
CA SER A 311 5.26 -22.26 -10.32
C SER A 311 6.08 -22.95 -11.42
N ASP A 312 6.32 -24.26 -11.28
CA ASP A 312 7.29 -25.04 -12.09
C ASP A 312 6.59 -25.76 -13.25
N THR A 313 5.48 -25.21 -13.76
CA THR A 313 4.69 -25.76 -14.89
C THR A 313 5.48 -25.55 -16.18
N PRO A 314 5.79 -26.61 -16.95
CA PRO A 314 6.69 -26.49 -18.10
C PRO A 314 6.17 -25.52 -19.16
N ILE A 315 7.09 -24.84 -19.82
CA ILE A 315 6.83 -23.65 -20.66
C ILE A 315 7.89 -23.61 -21.77
N ASN A 316 7.48 -23.43 -23.01
CA ASN A 316 8.38 -23.30 -24.18
C ASN A 316 8.24 -21.87 -24.71
N PHE A 317 9.28 -21.05 -24.55
CA PHE A 317 9.30 -19.65 -25.06
C PHE A 317 9.49 -19.69 -26.59
N ASP A 318 10.16 -20.73 -27.11
CA ASP A 318 10.32 -20.92 -28.57
C ASP A 318 8.97 -21.32 -29.18
N LYS A 319 8.41 -22.45 -28.75
CA LYS A 319 7.15 -22.99 -29.31
C LYS A 319 5.98 -22.05 -28.95
N LYS A 320 6.16 -21.22 -27.90
CA LYS A 320 5.23 -20.18 -27.38
C LYS A 320 3.98 -20.86 -26.78
N THR A 321 4.24 -21.73 -25.80
CA THR A 321 3.27 -22.68 -25.19
C THR A 321 3.68 -23.07 -23.76
N ILE A 322 2.68 -23.47 -23.01
CA ILE A 322 2.80 -23.89 -21.58
C ILE A 322 2.02 -25.20 -21.43
N THR A 323 2.62 -26.15 -20.71
CA THR A 323 2.13 -27.55 -20.58
C THR A 323 1.39 -27.69 -19.25
N TYR A 324 0.06 -27.76 -19.31
CA TYR A 324 -0.82 -27.90 -18.11
C TYR A 324 -2.17 -28.52 -18.49
N ALA A 325 -2.65 -29.41 -17.64
CA ALA A 325 -3.86 -30.24 -17.86
C ALA A 325 -3.54 -31.25 -18.97
N GLY A 326 -2.26 -31.62 -19.10
CA GLY A 326 -1.72 -32.39 -20.24
C GLY A 326 -2.05 -31.74 -21.58
N ILE A 327 -2.16 -30.40 -21.58
CA ILE A 327 -2.39 -29.54 -22.78
C ILE A 327 -1.13 -28.72 -23.07
N GLU A 328 -0.62 -28.82 -24.31
CA GLU A 328 0.34 -27.86 -24.90
C GLU A 328 -0.50 -26.68 -25.41
N ARG A 329 -0.68 -25.70 -24.52
CA ARG A 329 -1.51 -24.49 -24.73
C ARG A 329 -0.64 -23.40 -25.35
N SER A 330 -1.06 -22.82 -26.48
CA SER A 330 -0.35 -21.67 -27.08
C SER A 330 -0.78 -20.42 -26.33
N PHE A 331 0.11 -19.42 -26.24
CA PHE A 331 -0.15 -18.14 -25.56
C PHE A 331 0.41 -17.00 -26.43
N HIS A 332 -0.30 -15.87 -26.42
CA HIS A 332 0.06 -14.66 -27.20
C HIS A 332 1.21 -13.88 -26.53
N GLN A 333 1.34 -13.92 -25.20
CA GLN A 333 2.29 -13.06 -24.45
C GLN A 333 2.62 -13.70 -23.09
N TYR A 334 3.90 -13.73 -22.73
CA TYR A 334 4.37 -14.03 -21.36
C TYR A 334 4.85 -12.72 -20.75
N VAL A 335 4.21 -12.26 -19.65
CA VAL A 335 4.57 -11.04 -18.87
C VAL A 335 5.41 -11.43 -17.65
N LYS A 336 6.72 -11.12 -17.68
CA LYS A 336 7.76 -11.50 -16.68
C LYS A 336 7.43 -10.94 -15.29
N GLY A 337 6.85 -9.74 -15.22
CA GLY A 337 6.41 -9.15 -13.95
C GLY A 337 7.40 -8.13 -13.42
N ASP A 338 6.90 -7.29 -12.51
CA ASP A 338 7.35 -5.90 -12.26
C ASP A 338 8.59 -5.95 -11.36
N ALA A 339 9.77 -5.90 -11.97
CA ALA A 339 11.03 -5.42 -11.35
C ALA A 339 10.93 -3.90 -11.15
N GLU A 340 11.37 -3.45 -9.97
CA GLU A 340 11.15 -2.09 -9.42
C GLU A 340 12.53 -1.55 -8.99
N GLN A 341 13.13 -0.68 -9.81
CA GLN A 341 14.52 -0.18 -9.60
C GLN A 341 14.50 1.32 -9.31
N PRO A 342 15.01 1.75 -8.14
CA PRO A 342 15.22 3.18 -7.88
C PRO A 342 15.92 3.83 -9.07
N ARG A 343 15.35 4.94 -9.54
CA ARG A 343 15.92 5.77 -10.65
C ARG A 343 17.02 6.65 -10.07
N LEU A 344 18.12 6.05 -9.60
CA LEU A 344 19.23 6.84 -9.01
C LEU A 344 20.24 7.16 -10.11
N PRO A 345 20.72 8.42 -10.19
CA PRO A 345 21.88 8.73 -11.03
C PRO A 345 23.07 8.08 -10.31
N THR A 346 24.19 7.96 -11.01
CA THR A 346 25.50 7.56 -10.43
C THR A 346 25.78 8.50 -9.26
N ILE A 347 26.05 7.95 -8.08
CA ILE A 347 26.47 8.76 -6.90
C ILE A 347 27.90 8.33 -6.54
N LEU A 348 28.84 9.28 -6.64
CA LEU A 348 30.28 9.04 -6.41
C LEU A 348 30.62 9.56 -5.01
N ILE A 349 31.17 8.68 -4.17
CA ILE A 349 31.56 8.94 -2.75
C ILE A 349 32.89 9.70 -2.70
N ASN A 350 32.97 10.74 -1.86
CA ASN A 350 34.13 11.66 -1.75
C ASN A 350 34.82 11.75 -3.12
N GLY A 351 34.01 11.93 -4.16
CA GLY A 351 34.44 12.25 -5.54
C GLY A 351 34.67 11.03 -6.42
N GLU A 352 34.89 9.83 -5.84
CA GLU A 352 35.58 8.68 -6.50
C GLU A 352 34.67 7.43 -6.60
N THR A 353 34.34 6.79 -5.47
CA THR A 353 33.78 5.39 -5.39
C THR A 353 32.28 5.36 -5.63
N PRO A 354 31.81 4.52 -6.59
CA PRO A 354 30.40 4.22 -6.74
C PRO A 354 29.73 3.85 -5.40
N PHE A 355 28.67 4.59 -5.09
CA PHE A 355 27.72 4.28 -4.01
C PHE A 355 26.85 3.15 -4.54
N GLU A 356 26.53 2.18 -3.69
CA GLU A 356 25.64 1.06 -4.02
C GLU A 356 24.34 1.22 -3.22
N TYR A 357 23.23 1.42 -3.92
CA TYR A 357 21.89 1.47 -3.29
C TYR A 357 21.52 0.07 -2.78
N LEU A 358 21.17 -0.03 -1.50
CA LEU A 358 20.45 -1.18 -0.91
C LEU A 358 19.54 -0.64 0.20
N TYR A 359 18.23 -0.83 0.09
CA TYR A 359 17.23 -0.18 0.99
C TYR A 359 17.62 -0.37 2.46
N ARG A 360 17.91 -1.60 2.90
CA ARG A 360 18.39 -1.95 4.28
C ARG A 360 19.64 -1.13 4.71
N ASP A 361 20.49 -0.68 3.78
CA ASP A 361 21.78 -0.01 4.09
C ASP A 361 21.52 1.49 4.28
N THR A 362 20.26 1.83 4.36
CA THR A 362 19.70 3.21 4.34
C THR A 362 18.87 3.34 5.63
N PHE A 363 18.91 4.47 6.34
CA PHE A 363 18.05 4.68 7.52
C PHE A 363 16.65 5.13 7.09
N MET A 364 15.64 4.34 7.46
CA MET A 364 14.19 4.58 7.24
C MET A 364 13.90 4.77 5.74
N GLY A 365 14.68 4.14 4.86
CA GLY A 365 14.54 4.27 3.40
C GLY A 365 15.02 5.61 2.89
N VAL A 366 15.63 6.43 3.73
CA VAL A 366 15.82 7.89 3.48
C VAL A 366 17.30 8.22 3.47
N ILE A 367 18.06 7.76 4.48
CA ILE A 367 19.45 8.25 4.72
C ILE A 367 20.46 7.17 4.40
N PRO A 368 21.20 7.31 3.29
CA PRO A 368 22.24 6.35 2.93
C PRO A 368 23.48 6.61 3.81
N GLN A 369 24.33 5.61 4.07
CA GLN A 369 25.37 5.64 5.13
C GLN A 369 26.68 6.33 4.75
N ARG A 370 27.17 6.22 3.51
CA ARG A 370 28.56 6.69 3.19
C ARG A 370 28.51 8.06 2.50
N LEU A 371 27.31 8.59 2.28
CA LEU A 371 27.09 9.91 1.66
C LEU A 371 26.84 10.93 2.76
N ASN A 372 27.08 12.21 2.47
CA ASN A 372 26.85 13.32 3.40
C ASN A 372 25.78 14.23 2.77
N ASN A 373 24.69 14.45 3.52
CA ASN A 373 23.62 15.40 3.18
C ASN A 373 22.99 15.01 1.83
N ILE A 374 22.82 13.72 1.60
CA ILE A 374 21.96 13.18 0.50
C ILE A 374 20.81 12.44 1.17
N TYR A 375 19.56 12.71 0.79
CA TYR A 375 18.37 12.03 1.34
C TYR A 375 17.56 11.42 0.18
N PHE A 376 16.91 10.29 0.44
CA PHE A 376 16.05 9.51 -0.49
C PHE A 376 14.59 9.64 -0.06
N LEU A 377 13.80 10.17 -0.99
CA LEU A 377 12.37 10.52 -0.83
C LEU A 377 11.52 9.79 -1.89
N GLY A 378 10.67 8.83 -1.51
CA GLY A 378 9.76 8.14 -2.46
C GLY A 378 10.14 6.70 -2.69
N TYR A 379 11.13 6.17 -1.98
CA TYR A 379 11.69 4.84 -2.31
C TYR A 379 11.22 3.84 -1.27
N THR A 380 10.41 4.27 -0.30
CA THR A 380 9.73 3.36 0.66
C THR A 380 8.29 3.11 0.16
N ARG A 381 7.89 1.86 0.12
CA ARG A 381 6.61 1.40 -0.46
C ARG A 381 5.69 1.01 0.71
N PRO A 382 4.45 1.55 0.78
CA PRO A 382 3.49 1.17 1.80
C PRO A 382 2.79 -0.14 1.43
N PHE A 383 2.69 -1.04 2.39
CA PHE A 383 2.05 -2.37 2.26
C PHE A 383 0.63 -2.18 1.75
N THR A 384 -0.06 -1.20 2.33
CA THR A 384 -1.45 -0.83 2.02
C THR A 384 -1.60 0.69 2.11
N GLY A 385 -2.60 1.24 1.44
CA GLY A 385 -2.82 2.67 1.38
C GLY A 385 -1.85 3.29 0.43
N GLY A 386 -1.96 4.60 0.25
CA GLY A 386 -1.24 5.34 -0.80
C GLY A 386 0.17 5.70 -0.36
N LEU A 387 1.00 6.09 -1.29
CA LEU A 387 2.40 6.46 -1.00
C LEU A 387 2.41 7.72 -0.14
N ALA A 388 1.39 8.60 -0.31
CA ALA A 388 1.26 9.91 0.37
C ALA A 388 1.61 9.78 1.84
N ASN A 389 1.08 8.78 2.55
CA ASN A 389 1.42 8.53 3.99
C ASN A 389 2.93 8.54 4.19
N ILE A 390 3.64 7.72 3.41
CA ILE A 390 5.11 7.49 3.55
C ILE A 390 5.87 8.78 3.21
N THR A 391 5.54 9.34 2.08
CA THR A 391 6.27 10.41 1.37
C THR A 391 6.08 11.71 2.18
N GLU A 392 4.90 11.95 2.76
CA GLU A 392 4.62 13.16 3.58
C GLU A 392 5.47 13.08 4.84
N MET A 393 5.46 11.94 5.53
CA MET A 393 6.27 11.74 6.76
C MET A 393 7.76 11.80 6.40
N GLN A 394 8.23 11.14 5.35
CA GLN A 394 9.65 11.27 4.96
C GLN A 394 10.00 12.74 4.71
N SER A 395 9.11 13.50 4.06
CA SER A 395 9.35 14.92 3.74
C SER A 395 9.56 15.70 5.03
N LEU A 396 8.77 15.39 6.06
CA LEU A 396 8.89 15.99 7.41
C LEU A 396 10.26 15.66 7.99
N PHE A 397 10.64 14.39 7.95
CA PHE A 397 11.93 13.86 8.47
C PHE A 397 13.09 14.55 7.75
N ILE A 398 13.03 14.61 6.42
CA ILE A 398 14.14 15.22 5.62
C ILE A 398 14.20 16.72 5.91
N HIS A 399 13.05 17.39 5.96
CA HIS A 399 13.00 18.84 6.28
C HIS A 399 13.63 19.09 7.65
N LYS A 400 13.35 18.26 8.65
CA LYS A 400 13.95 18.46 9.99
C LYS A 400 15.47 18.29 9.90
N LEU A 401 15.93 17.24 9.24
CA LEU A 401 17.39 16.96 9.08
C LEU A 401 18.12 18.13 8.37
N ILE A 402 17.52 18.73 7.34
CA ILE A 402 18.14 19.79 6.49
C ILE A 402 18.20 21.13 7.24
N THR A 403 17.16 21.50 7.98
CA THR A 403 17.03 22.83 8.60
C THR A 403 17.43 22.84 10.09
N GLN A 404 17.50 21.72 10.80
CA GLN A 404 17.86 21.70 12.24
C GLN A 404 19.11 20.85 12.45
N PRO A 405 20.32 21.48 12.47
CA PRO A 405 21.58 20.76 12.68
C PRO A 405 21.62 19.89 13.95
N GLN A 406 20.99 20.35 15.03
CA GLN A 406 20.76 19.53 16.25
C GLN A 406 20.09 18.20 15.84
N PHE A 407 19.01 18.23 15.05
CA PHE A 407 18.32 17.01 14.58
C PHE A 407 19.23 16.18 13.68
N HIS A 408 19.85 16.82 12.68
CA HIS A 408 20.87 16.20 11.78
C HIS A 408 21.88 15.40 12.63
N GLN A 409 22.45 16.04 13.65
CA GLN A 409 23.53 15.46 14.48
C GLN A 409 23.00 14.26 15.26
N LYS A 410 21.84 14.43 15.90
CA LYS A 410 21.22 13.41 16.79
C LYS A 410 21.02 12.11 15.99
N ILE A 411 20.55 12.23 14.76
CA ILE A 411 20.19 11.07 13.89
C ILE A 411 21.49 10.47 13.31
N HIS A 412 22.45 11.32 12.92
CA HIS A 412 23.68 10.90 12.21
C HIS A 412 24.71 10.33 13.18
N GLN A 413 24.83 10.88 14.40
CA GLN A 413 25.84 10.41 15.41
C GLN A 413 25.96 8.89 15.31
N ASN A 414 24.83 8.20 15.46
CA ASN A 414 24.79 6.72 15.64
C ASN A 414 24.02 6.11 14.46
N LEU A 415 24.05 6.76 13.30
CA LEU A 415 23.29 6.32 12.11
C LEU A 415 23.44 4.80 11.95
N SER A 416 24.67 4.32 11.98
CA SER A 416 25.05 2.90 11.74
C SER A 416 24.32 1.97 12.72
N LYS A 417 24.29 2.31 14.01
CA LYS A 417 23.63 1.50 15.08
C LYS A 417 22.09 1.59 14.93
N ARG A 418 21.58 2.76 14.53
CA ARG A 418 20.14 2.98 14.18
C ARG A 418 19.72 2.03 13.06
N ILE A 419 20.52 1.94 12.00
CA ILE A 419 20.20 1.09 10.82
C ILE A 419 20.22 -0.38 11.28
N THR A 420 21.30 -0.83 11.90
CA THR A 420 21.44 -2.20 12.47
C THR A 420 20.24 -2.53 13.36
N ALA A 421 19.86 -1.63 14.27
CA ALA A 421 18.77 -1.90 15.23
C ALA A 421 17.43 -1.98 14.48
N TYR A 422 17.25 -1.11 13.47
CA TYR A 422 16.07 -1.14 12.57
C TYR A 422 16.01 -2.49 11.86
N ASN A 423 17.12 -2.91 11.24
CA ASN A 423 17.21 -4.14 10.41
C ASN A 423 16.96 -5.35 11.33
N GLN A 424 17.50 -5.35 12.55
CA GLN A 424 17.28 -6.42 13.56
C GLN A 424 15.77 -6.56 13.86
N HIS A 425 15.13 -5.46 14.26
CA HIS A 425 13.70 -5.36 14.67
C HIS A 425 12.79 -5.84 13.55
N TYR A 426 13.06 -5.46 12.30
CA TYR A 426 12.08 -5.60 11.19
C TYR A 426 12.43 -6.74 10.23
N TYR A 427 13.72 -7.04 10.00
CA TYR A 427 14.18 -8.03 8.98
C TYR A 427 14.81 -9.26 9.63
N GLY A 428 15.41 -9.09 10.82
CA GLY A 428 16.20 -10.12 11.54
C GLY A 428 17.31 -10.70 10.67
N ALA A 429 17.38 -12.03 10.56
CA ALA A 429 18.49 -12.77 9.93
C ALA A 429 18.26 -12.93 8.42
N ALA A 430 17.08 -12.55 7.92
CA ALA A 430 16.68 -12.68 6.50
C ALA A 430 17.74 -12.02 5.64
N LYS A 431 18.06 -12.60 4.49
CA LYS A 431 18.95 -11.96 3.51
C LYS A 431 18.19 -10.80 2.90
N PRO A 432 18.86 -9.75 2.36
CA PRO A 432 18.15 -8.66 1.70
C PRO A 432 17.25 -9.26 0.61
N ARG A 433 16.03 -8.75 0.48
CA ARG A 433 15.09 -9.14 -0.60
C ARG A 433 14.75 -7.89 -1.40
N LYS A 434 14.22 -8.06 -2.61
CA LYS A 434 14.00 -6.93 -3.55
C LYS A 434 12.79 -6.12 -3.06
N HIS A 435 12.01 -6.66 -2.12
CA HIS A 435 10.79 -6.00 -1.58
C HIS A 435 11.00 -5.52 -0.13
N ASP A 436 12.23 -5.42 0.38
CA ASP A 436 12.53 -4.85 1.73
C ASP A 436 12.02 -3.41 1.86
N HIS A 437 11.90 -2.70 0.75
CA HIS A 437 11.41 -1.31 0.75
C HIS A 437 9.96 -1.22 1.23
N THR A 438 9.22 -2.35 1.32
CA THR A 438 7.78 -2.34 1.58
C THR A 438 7.57 -2.43 3.09
N VAL A 439 6.72 -1.57 3.64
CA VAL A 439 6.52 -1.47 5.10
C VAL A 439 5.05 -1.26 5.38
N PRO A 440 4.57 -1.75 6.55
CA PRO A 440 3.24 -1.38 7.03
C PRO A 440 3.24 0.14 7.26
N PHE A 441 2.28 0.85 6.67
CA PHE A 441 2.31 2.33 6.56
C PHE A 441 2.24 2.88 7.97
N GLY A 442 1.41 2.26 8.80
CA GLY A 442 1.11 2.74 10.15
C GLY A 442 2.21 2.41 11.15
N PHE A 443 3.12 1.51 10.81
CA PHE A 443 4.39 1.40 11.57
C PHE A 443 5.34 2.49 11.08
N TYR A 444 5.39 2.67 9.77
CA TYR A 444 6.42 3.57 9.18
C TYR A 444 6.15 5.02 9.60
N THR A 445 4.89 5.44 9.55
CA THR A 445 4.52 6.84 9.82
C THR A 445 4.81 7.13 11.30
N GLU A 446 4.46 6.17 12.15
CA GLU A 446 4.64 6.19 13.63
C GLU A 446 6.14 6.22 13.92
N ASP A 447 6.89 5.34 13.27
CA ASP A 447 8.37 5.31 13.35
C ASP A 447 8.94 6.71 13.13
N ILE A 448 8.62 7.40 12.02
CA ILE A 448 9.12 8.75 11.66
C ILE A 448 8.60 9.78 12.68
N ALA A 449 7.33 9.70 13.09
CA ALA A 449 6.73 10.63 14.07
C ALA A 449 7.51 10.57 15.40
N ARG A 450 7.87 9.38 15.90
CA ARG A 450 8.67 9.24 17.16
C ARG A 450 10.10 9.72 16.91
N LEU A 451 10.68 9.43 15.74
CA LEU A 451 11.99 10.02 15.41
C LEU A 451 11.95 11.56 15.50
N ILE A 452 10.96 12.19 14.84
CA ILE A 452 10.83 13.66 14.68
C ILE A 452 10.41 14.26 16.02
N GLY A 453 9.62 13.52 16.80
CA GLY A 453 8.99 13.95 18.07
C GLY A 453 7.59 14.53 17.88
N ILE A 454 6.88 14.20 16.80
CA ILE A 454 5.49 14.69 16.59
C ILE A 454 4.52 13.54 16.87
N HIS A 455 4.96 12.53 17.62
CA HIS A 455 4.13 11.35 17.96
C HIS A 455 3.21 11.70 19.13
N TYR A 456 2.28 10.80 19.42
CA TYR A 456 1.42 10.83 20.63
C TYR A 456 2.00 9.88 21.67
N GLN A 457 1.72 10.20 22.93
CA GLN A 457 2.15 9.40 24.09
C GLN A 457 0.92 8.61 24.54
N PRO A 458 1.00 7.26 24.60
CA PRO A 458 -0.09 6.47 25.16
C PRO A 458 -0.50 6.99 26.55
N ASN A 459 0.50 7.38 27.37
CA ASN A 459 0.34 7.77 28.78
C ASN A 459 -0.51 9.04 28.88
N GLU A 460 -0.66 9.77 27.77
CA GLU A 460 -1.33 11.11 27.74
C GLU A 460 -2.83 11.00 27.38
N CYS A 461 -3.36 9.80 27.11
CA CYS A 461 -4.81 9.60 26.88
C CYS A 461 -5.52 9.78 28.20
N ARG A 462 -6.68 10.44 28.20
CA ARG A 462 -7.48 10.67 29.42
C ARG A 462 -8.78 9.86 29.32
N SER A 463 -9.50 10.00 28.20
CA SER A 463 -10.76 9.29 27.89
C SER A 463 -10.51 8.05 27.03
N VAL A 464 -11.48 7.14 27.02
CA VAL A 464 -11.61 6.02 26.05
C VAL A 464 -11.49 6.62 24.64
N ARG A 465 -12.08 7.81 24.43
CA ARG A 465 -12.06 8.53 23.15
C ARG A 465 -10.59 8.69 22.73
N ASP A 466 -9.73 9.13 23.66
CA ASP A 466 -8.28 9.39 23.43
C ASP A 466 -7.59 8.08 23.04
N LEU A 467 -7.94 6.99 23.73
CA LEU A 467 -7.41 5.62 23.49
C LEU A 467 -7.81 5.17 22.08
N LEU A 468 -9.02 5.50 21.67
CA LEU A 468 -9.54 5.20 20.31
C LEU A 468 -8.70 5.98 19.28
N PHE A 469 -8.44 7.26 19.54
CA PHE A 469 -7.65 8.10 18.62
C PHE A 469 -6.21 7.57 18.59
N TYR A 470 -5.59 7.37 19.75
CA TYR A 470 -4.22 6.86 19.84
C TYR A 470 -4.13 5.48 19.15
N TYR A 471 -4.96 4.49 19.49
CA TYR A 471 -4.75 3.10 18.97
C TYR A 471 -5.43 2.81 17.62
N ALA A 472 -6.65 3.28 17.42
CA ALA A 472 -7.54 2.81 16.34
C ALA A 472 -7.64 3.84 15.22
N PHE A 473 -7.45 5.13 15.48
CA PHE A 473 -7.42 6.12 14.37
C PHE A 473 -6.21 5.82 13.51
N PRO A 474 -6.35 5.60 12.18
CA PRO A 474 -5.20 5.18 11.38
C PRO A 474 -4.03 6.17 11.48
N ASN A 475 -2.81 5.66 11.47
CA ASN A 475 -1.53 6.43 11.49
C ASN A 475 -1.28 7.07 10.12
N ASN A 476 -2.27 7.75 9.57
CA ASN A 476 -2.04 8.58 8.36
C ASN A 476 -1.07 9.71 8.74
N ALA A 477 -0.33 10.25 7.77
CA ALA A 477 0.61 11.36 8.01
C ALA A 477 -0.10 12.51 8.73
N PHE A 478 -1.31 12.88 8.30
CA PHE A 478 -2.08 14.05 8.79
C PHE A 478 -2.49 13.84 10.26
N LYS A 479 -2.45 12.61 10.76
CA LYS A 479 -2.68 12.31 12.18
C LYS A 479 -1.62 13.06 12.99
N TYR A 480 -0.45 13.27 12.41
CA TYR A 480 0.73 13.71 13.19
C TYR A 480 0.96 15.20 12.92
N ARG A 481 0.01 15.82 12.21
CA ARG A 481 0.01 17.25 11.86
C ARG A 481 -1.20 17.98 12.47
N LEU A 482 -1.75 17.46 13.55
CA LEU A 482 -2.80 18.17 14.33
C LEU A 482 -2.11 19.30 15.10
N LYS A 483 -1.08 18.95 15.86
CA LYS A 483 -0.36 19.87 16.77
C LYS A 483 1.13 19.75 16.47
N GLY A 484 1.89 20.67 17.05
CA GLY A 484 3.34 20.57 17.18
C GLY A 484 4.04 21.09 15.95
N GLU A 485 5.28 20.65 15.77
CA GLU A 485 6.26 21.27 14.86
C GLU A 485 5.72 21.28 13.41
N TYR A 486 4.94 20.28 12.97
CA TYR A 486 4.55 20.21 11.54
C TYR A 486 3.04 20.37 11.38
N ALA A 487 2.38 21.07 12.31
CA ALA A 487 0.89 21.22 12.35
C ALA A 487 0.40 21.91 11.07
N VAL A 488 -0.69 21.41 10.51
CA VAL A 488 -1.34 21.93 9.27
C VAL A 488 -2.73 22.35 9.72
N ASP A 489 -3.08 23.60 9.42
CA ASP A 489 -4.43 24.18 9.68
C ASP A 489 -5.46 23.29 9.00
N GLY A 490 -6.53 23.00 9.74
CA GLY A 490 -7.68 22.26 9.26
C GLY A 490 -7.63 20.80 9.65
N VAL A 491 -6.51 20.32 10.17
CA VAL A 491 -6.36 18.89 10.56
C VAL A 491 -7.33 18.54 11.71
N ASP A 492 -7.55 19.47 12.64
CA ASP A 492 -8.58 19.31 13.69
C ASP A 492 -9.90 18.82 13.09
N GLU A 493 -10.45 19.58 12.13
CA GLU A 493 -11.78 19.39 11.52
C GLU A 493 -11.79 18.13 10.64
N LEU A 494 -10.66 17.79 9.99
CA LEU A 494 -10.48 16.57 9.16
C LEU A 494 -10.65 15.34 10.05
N ILE A 495 -9.93 15.29 11.16
CA ILE A 495 -9.95 14.18 12.15
C ILE A 495 -11.35 14.03 12.76
N GLN A 496 -12.01 15.15 13.06
CA GLN A 496 -13.41 15.13 13.53
C GLN A 496 -14.30 14.50 12.47
N LYS A 497 -14.32 15.07 11.26
CA LYS A 497 -15.06 14.54 10.08
C LYS A 497 -14.79 13.03 10.01
N VAL A 498 -13.53 12.66 9.84
CA VAL A 498 -13.14 11.23 9.66
C VAL A 498 -13.63 10.43 10.86
N ASN A 499 -13.53 10.95 12.09
CA ASN A 499 -13.92 10.18 13.29
C ASN A 499 -15.44 9.97 13.27
N ASP A 500 -16.23 11.00 12.93
CA ASP A 500 -17.70 10.94 12.99
C ASP A 500 -18.20 9.93 11.96
N LYS A 501 -17.48 9.80 10.84
CA LYS A 501 -17.90 8.99 9.66
C LYS A 501 -17.57 7.53 9.95
N HIS A 502 -16.67 7.24 10.90
CA HIS A 502 -16.13 5.87 11.11
C HIS A 502 -16.33 5.43 12.57
N ASP A 503 -17.24 6.07 13.31
CA ASP A 503 -17.57 5.71 14.72
C ASP A 503 -16.30 5.76 15.59
N HIS A 504 -15.43 6.74 15.32
CA HIS A 504 -14.18 6.97 16.10
C HIS A 504 -13.36 5.68 16.08
N TYR A 505 -13.57 4.85 15.06
CA TYR A 505 -12.80 3.61 14.79
C TYR A 505 -13.00 2.63 15.94
N ALA A 506 -14.19 2.60 16.52
CA ALA A 506 -14.53 1.76 17.68
C ALA A 506 -14.52 0.29 17.24
N GLN A 507 -14.98 0.02 16.02
CA GLN A 507 -15.10 -1.37 15.49
C GLN A 507 -13.72 -2.02 15.47
N VAL A 508 -12.66 -1.38 14.94
CA VAL A 508 -11.32 -2.04 14.95
C VAL A 508 -10.81 -2.14 16.38
N PHE A 509 -11.06 -1.14 17.23
CA PHE A 509 -10.66 -1.17 18.64
C PHE A 509 -11.31 -2.37 19.34
N VAL A 510 -12.59 -2.61 19.04
CA VAL A 510 -13.33 -3.74 19.63
C VAL A 510 -12.81 -5.08 19.10
N GLN A 511 -12.25 -5.11 17.88
CA GLN A 511 -11.63 -6.34 17.32
C GLN A 511 -10.45 -6.74 18.22
N ALA A 512 -9.65 -5.75 18.62
CA ALA A 512 -8.46 -5.96 19.47
C ALA A 512 -8.92 -6.54 20.81
N LEU A 513 -9.96 -5.94 21.42
CA LEU A 513 -10.58 -6.46 22.67
C LEU A 513 -10.94 -7.92 22.43
N SER A 514 -11.67 -8.20 21.36
CA SER A 514 -12.27 -9.53 21.10
C SER A 514 -11.20 -10.63 21.05
N ILE A 515 -9.93 -10.35 20.67
CA ILE A 515 -8.95 -11.46 20.42
C ILE A 515 -7.79 -11.41 21.41
N ARG A 516 -7.81 -10.47 22.35
CA ARG A 516 -6.77 -10.28 23.41
C ARG A 516 -6.45 -11.60 24.12
N ASN A 517 -7.39 -12.55 24.18
CA ASN A 517 -7.26 -13.79 25.00
C ASN A 517 -7.15 -15.03 24.11
N MET A 518 -7.36 -14.90 22.81
CA MET A 518 -7.30 -16.02 21.85
C MET A 518 -5.84 -16.29 21.51
N ASN A 519 -5.53 -17.51 21.07
CA ASN A 519 -4.26 -17.88 20.41
C ASN A 519 -4.44 -17.58 18.91
N SER A 520 -3.36 -17.76 18.13
CA SER A 520 -3.30 -17.52 16.66
C SER A 520 -4.47 -18.25 15.97
N ASP A 521 -4.69 -19.55 16.25
CA ASP A 521 -5.67 -20.36 15.47
C ASP A 521 -7.09 -19.93 15.83
N GLU A 522 -7.36 -19.62 17.10
CA GLU A 522 -8.72 -19.15 17.54
C GLU A 522 -9.08 -17.84 16.80
N ALA A 523 -8.13 -16.90 16.68
CA ALA A 523 -8.35 -15.60 16.01
C ALA A 523 -8.59 -15.83 14.52
N ALA A 524 -7.84 -16.74 13.91
CA ALA A 524 -8.03 -17.06 12.47
C ALA A 524 -9.49 -17.47 12.24
N GLU A 525 -10.01 -18.35 13.11
CA GLU A 525 -11.38 -18.91 12.98
C GLU A 525 -12.38 -17.79 13.23
N TRP A 526 -12.16 -16.97 14.26
CA TRP A 526 -13.03 -15.85 14.65
C TRP A 526 -13.15 -14.86 13.46
N ASP A 527 -12.02 -14.53 12.84
CA ASP A 527 -11.93 -13.55 11.72
C ASP A 527 -12.79 -14.02 10.56
N HIS A 528 -12.91 -15.33 10.39
CA HIS A 528 -13.65 -15.95 9.27
C HIS A 528 -15.03 -16.45 9.73
N SER A 529 -15.47 -16.18 10.97
CA SER A 529 -16.83 -16.56 11.44
C SER A 529 -17.88 -15.60 10.87
N ALA A 530 -17.52 -14.34 10.61
CA ALA A 530 -18.39 -13.29 10.02
C ALA A 530 -19.11 -13.79 8.75
N ARG A 531 -20.23 -13.15 8.46
CA ARG A 531 -21.13 -13.45 7.31
C ARG A 531 -20.40 -13.06 6.02
N ARG A 532 -19.64 -11.96 6.07
CA ARG A 532 -18.60 -11.59 5.09
C ARG A 532 -17.36 -11.21 5.87
N PHE A 533 -16.37 -12.08 5.91
CA PHE A 533 -15.07 -11.73 6.53
C PHE A 533 -14.39 -10.76 5.57
N SER A 534 -13.45 -9.97 6.08
CA SER A 534 -12.84 -8.80 5.38
C SER A 534 -12.33 -9.16 3.96
N PHE A 535 -11.48 -10.19 3.84
CA PHE A 535 -10.70 -10.46 2.59
C PHE A 535 -10.94 -11.85 2.00
N ASN A 536 -11.19 -11.84 0.69
CA ASN A 536 -11.20 -13.06 -0.18
C ASN A 536 -12.28 -14.05 0.28
N ASP A 537 -13.48 -13.57 0.51
CA ASP A 537 -14.65 -14.38 0.91
C ASP A 537 -15.37 -14.83 -0.35
N MET A 538 -15.20 -16.10 -0.72
CA MET A 538 -15.71 -16.71 -1.99
C MET A 538 -17.24 -16.97 -1.94
N ARG A 539 -17.90 -16.71 -0.82
CA ARG A 539 -19.38 -16.90 -0.72
C ARG A 539 -20.08 -15.67 -1.27
N HIS A 540 -19.35 -14.60 -1.54
CA HIS A 540 -19.91 -13.28 -1.94
C HIS A 540 -19.52 -13.04 -3.40
N LYS A 541 -19.56 -14.11 -4.20
CA LYS A 541 -19.11 -14.13 -5.61
C LYS A 541 -20.21 -14.67 -6.51
N GLU A 542 -20.77 -15.85 -6.24
CA GLU A 542 -21.73 -16.48 -7.19
C GLU A 542 -22.85 -15.47 -7.48
N GLY A 543 -23.54 -14.99 -6.45
CA GLY A 543 -24.67 -14.03 -6.58
C GLY A 543 -24.37 -12.80 -7.43
N TYR A 544 -23.12 -12.61 -7.89
CA TYR A 544 -22.72 -11.41 -8.68
C TYR A 544 -22.35 -11.79 -10.12
N ARG A 545 -22.62 -13.02 -10.57
CA ARG A 545 -22.45 -13.45 -12.00
C ARG A 545 -23.30 -12.58 -12.95
N ALA A 546 -24.57 -12.38 -12.66
CA ALA A 546 -25.40 -11.54 -13.55
C ALA A 546 -24.76 -10.15 -13.67
N PHE A 547 -24.38 -9.56 -12.54
CA PHE A 547 -23.85 -8.17 -12.50
C PHE A 547 -22.57 -8.13 -13.32
N LEU A 548 -21.72 -9.16 -13.15
CA LEU A 548 -20.47 -9.31 -13.93
C LEU A 548 -20.74 -9.16 -15.42
N ASP A 549 -21.83 -9.75 -15.95
CA ASP A 549 -22.16 -9.72 -17.40
C ASP A 549 -22.62 -8.31 -17.78
N THR A 550 -23.44 -7.69 -16.94
CA THR A 550 -23.78 -6.25 -17.09
C THR A 550 -22.45 -5.47 -17.16
N TYR A 551 -21.51 -5.76 -16.25
CA TYR A 551 -20.22 -5.02 -16.17
C TYR A 551 -19.44 -5.16 -17.50
N LEU A 552 -19.16 -6.40 -17.93
CA LEU A 552 -18.48 -6.70 -19.22
C LEU A 552 -19.19 -5.95 -20.38
N LYS A 553 -20.52 -6.06 -20.48
CA LYS A 553 -21.33 -5.30 -21.49
C LYS A 553 -21.02 -3.82 -21.36
N ALA A 554 -21.04 -3.30 -20.14
CA ALA A 554 -20.85 -1.87 -19.83
C ALA A 554 -19.41 -1.45 -20.16
N TYR A 555 -18.40 -2.24 -19.76
CA TYR A 555 -16.97 -2.00 -20.08
C TYR A 555 -16.84 -1.88 -21.60
N ARG A 556 -17.30 -2.93 -22.31
CA ARG A 556 -17.26 -3.04 -23.80
C ARG A 556 -17.91 -1.81 -24.44
N GLN A 557 -19.00 -1.28 -23.90
CA GLN A 557 -19.70 -0.16 -24.55
C GLN A 557 -18.93 1.15 -24.33
N VAL A 558 -18.20 1.27 -23.22
CA VAL A 558 -17.37 2.48 -22.89
C VAL A 558 -16.14 2.48 -23.82
N GLU A 559 -15.51 1.32 -24.04
CA GLU A 559 -14.23 1.21 -24.80
C GLU A 559 -14.49 0.86 -26.29
N ASN A 560 -15.75 0.85 -26.75
CA ASN A 560 -16.15 0.50 -28.16
C ASN A 560 -15.54 -0.85 -28.56
N ILE A 561 -15.90 -1.91 -27.83
CA ILE A 561 -15.39 -3.30 -28.03
C ILE A 561 -16.54 -4.15 -28.56
N SER A 562 -16.23 -5.09 -29.47
CA SER A 562 -17.13 -6.18 -29.92
C SER A 562 -16.47 -7.51 -29.57
N VAL A 563 -17.21 -8.45 -28.98
CA VAL A 563 -16.76 -9.85 -28.72
C VAL A 563 -17.97 -10.79 -28.69
N ASP A 564 -17.85 -11.90 -29.42
CA ASP A 564 -18.79 -13.05 -29.40
C ASP A 564 -18.52 -13.87 -28.13
N ASP A 565 -19.46 -13.89 -27.20
CA ASP A 565 -19.33 -14.58 -25.88
C ASP A 565 -19.69 -16.06 -26.03
N THR A 566 -19.96 -16.53 -27.27
CA THR A 566 -20.41 -17.93 -27.54
C THR A 566 -19.23 -18.80 -27.99
N VAL A 567 -18.10 -18.21 -28.39
CA VAL A 567 -16.86 -18.95 -28.76
C VAL A 567 -16.45 -19.87 -27.59
N VAL A 568 -16.04 -21.11 -27.86
CA VAL A 568 -15.82 -22.13 -26.78
C VAL A 568 -14.38 -22.62 -26.87
N ASP A 569 -13.63 -22.42 -25.78
CA ASP A 569 -12.24 -22.87 -25.64
C ASP A 569 -12.22 -24.07 -24.69
N GLU A 570 -12.63 -25.25 -25.19
CA GLU A 570 -12.70 -26.55 -24.46
C GLU A 570 -11.39 -26.92 -23.76
N GLU A 571 -10.25 -26.49 -24.30
CA GLU A 571 -8.93 -26.64 -23.64
C GLU A 571 -8.91 -25.75 -22.40
N TRP A 572 -9.40 -24.52 -22.52
CA TRP A 572 -9.50 -23.58 -21.38
C TRP A 572 -10.35 -24.28 -20.31
N ASN A 573 -11.51 -24.78 -20.71
CA ASN A 573 -12.51 -25.39 -19.80
C ASN A 573 -11.90 -26.61 -19.09
N PHE A 574 -11.18 -27.47 -19.82
CA PHE A 574 -10.44 -28.59 -19.18
C PHE A 574 -9.43 -27.97 -18.21
N MET A 575 -8.64 -27.01 -18.68
CA MET A 575 -7.69 -26.24 -17.83
C MET A 575 -8.43 -25.62 -16.62
N VAL A 576 -9.51 -24.86 -16.85
CA VAL A 576 -10.30 -24.24 -15.75
C VAL A 576 -10.73 -25.34 -14.76
N LYS A 577 -11.18 -26.51 -15.27
CA LYS A 577 -11.63 -27.68 -14.44
C LYS A 577 -10.46 -28.29 -13.67
N GLU A 578 -9.31 -28.48 -14.30
CA GLU A 578 -8.08 -29.01 -13.65
C GLU A 578 -7.65 -28.07 -12.51
N ALA A 579 -7.74 -26.77 -12.73
CA ALA A 579 -7.29 -25.73 -11.77
C ALA A 579 -8.23 -25.69 -10.56
N CYS A 580 -9.53 -25.83 -10.80
CA CYS A 580 -10.59 -25.60 -9.79
C CYS A 580 -11.02 -26.93 -9.17
N GLN A 581 -10.08 -27.87 -9.05
CA GLN A 581 -10.32 -29.23 -8.47
C GLN A 581 -10.42 -29.13 -6.95
N VAL A 582 -9.44 -28.51 -6.31
CA VAL A 582 -9.51 -28.31 -4.83
C VAL A 582 -10.78 -27.52 -4.51
N ARG A 583 -11.07 -26.47 -5.30
CA ARG A 583 -12.22 -25.56 -5.03
C ARG A 583 -13.49 -26.41 -5.06
N ASP A 584 -13.65 -27.24 -6.10
CA ASP A 584 -14.83 -28.11 -6.37
C ASP A 584 -14.93 -29.18 -5.29
N LYS A 585 -13.81 -29.55 -4.64
CA LYS A 585 -13.80 -30.41 -3.41
C LYS A 585 -14.20 -29.58 -2.16
N VAL A 586 -13.69 -28.36 -2.00
CA VAL A 586 -13.68 -27.64 -0.68
C VAL A 586 -14.91 -26.71 -0.54
N ALA A 587 -15.40 -26.10 -1.62
CA ALA A 587 -16.51 -25.10 -1.60
C ALA A 587 -17.85 -25.73 -1.17
N PRO A 588 -18.13 -27.03 -1.43
CA PRO A 588 -19.37 -27.67 -0.94
C PRO A 588 -19.40 -27.88 0.59
N ASN A 589 -18.23 -27.91 1.25
CA ASN A 589 -18.07 -28.03 2.74
C ASN A 589 -18.49 -26.73 3.45
N ILE A 590 -18.80 -25.65 2.71
CA ILE A 590 -19.24 -24.34 3.26
C ILE A 590 -20.60 -24.53 3.97
N SER A 597 -19.89 -15.19 14.74
CA SER A 597 -19.31 -14.79 16.06
C SER A 597 -18.76 -13.36 15.96
N LYS A 598 -17.92 -13.10 14.96
CA LYS A 598 -17.28 -11.79 14.75
C LYS A 598 -18.35 -10.68 14.75
N ASP A 599 -19.45 -10.86 14.02
CA ASP A 599 -20.47 -9.79 13.80
C ASP A 599 -21.14 -9.48 15.14
N GLU A 600 -21.42 -10.52 15.94
CA GLU A 600 -22.10 -10.41 17.25
C GLU A 600 -21.14 -9.70 18.22
N ASP A 601 -19.93 -10.24 18.37
CA ASP A 601 -18.93 -9.72 19.35
C ASP A 601 -18.73 -8.24 19.03
N VAL A 602 -18.36 -7.92 17.80
CA VAL A 602 -18.11 -6.52 17.37
C VAL A 602 -19.37 -5.71 17.69
N ASN A 603 -20.55 -6.23 17.38
CA ASN A 603 -21.82 -5.46 17.54
C ASN A 603 -21.90 -5.02 19.01
N LYS A 604 -21.69 -5.95 19.95
CA LYS A 604 -21.74 -5.71 21.40
C LYS A 604 -20.60 -4.77 21.82
N GLY A 605 -19.37 -5.13 21.49
CA GLY A 605 -18.16 -4.33 21.75
C GLY A 605 -18.38 -2.86 21.43
N ILE A 606 -18.95 -2.58 20.27
CA ILE A 606 -19.14 -1.20 19.75
C ILE A 606 -20.16 -0.45 20.61
N ARG A 607 -21.28 -1.12 20.90
CA ARG A 607 -22.34 -0.58 21.80
C ARG A 607 -21.62 -0.14 23.08
N LEU A 608 -20.84 -1.05 23.67
CA LEU A 608 -20.10 -0.83 24.94
C LEU A 608 -19.19 0.39 24.74
N ILE A 609 -18.22 0.33 23.82
CA ILE A 609 -17.21 1.42 23.70
C ILE A 609 -17.94 2.77 23.57
N LEU A 610 -18.92 2.90 22.68
CA LEU A 610 -19.56 4.21 22.38
C LEU A 610 -20.27 4.71 23.65
N SER A 611 -20.70 3.80 24.53
CA SER A 611 -21.39 4.14 25.80
C SER A 611 -20.43 4.84 26.77
N ILE A 612 -19.11 4.57 26.69
CA ILE A 612 -18.07 5.10 27.65
C ILE A 612 -17.05 5.98 26.88
N LEU A 613 -17.37 6.41 25.65
CA LEU A 613 -16.53 7.32 24.83
C LEU A 613 -15.78 8.36 25.69
N ASP A 614 -16.51 9.16 26.47
CA ASP A 614 -15.94 10.33 27.19
C ASP A 614 -15.71 9.93 28.64
N SER A 615 -15.66 8.64 28.94
CA SER A 615 -15.37 8.15 30.29
C SER A 615 -13.86 8.14 30.52
N ASP A 616 -13.45 8.62 31.69
CA ASP A 616 -12.02 8.81 32.07
C ASP A 616 -11.39 7.42 32.28
N ILE A 617 -10.18 7.19 31.77
CA ILE A 617 -9.57 5.83 31.66
C ILE A 617 -9.08 5.33 33.03
N SER A 618 -8.10 6.05 33.61
CA SER A 618 -7.34 5.68 34.84
C SER A 618 -8.33 5.36 35.95
N SER A 619 -9.42 6.14 35.94
CA SER A 619 -10.58 6.03 36.86
C SER A 619 -11.28 4.68 36.74
N LEU A 620 -11.32 4.04 35.56
CA LEU A 620 -12.25 2.90 35.26
C LEU A 620 -12.11 1.80 36.30
N PRO A 621 -13.25 1.19 36.72
CA PRO A 621 -13.27 0.30 37.89
C PRO A 621 -12.84 -1.15 37.63
N ASP A 622 -12.32 -1.83 38.65
CA ASP A 622 -11.78 -3.21 38.59
C ASP A 622 -12.91 -4.21 38.26
N SER A 623 -12.52 -5.48 38.06
CA SER A 623 -13.37 -6.70 37.92
C SER A 623 -14.74 -6.53 38.60
N GLU A 642 -17.12 -6.71 29.42
CA GLU A 642 -17.12 -5.70 30.53
C GLU A 642 -16.42 -6.31 31.77
N ALA A 643 -15.56 -7.33 31.55
CA ALA A 643 -14.94 -8.19 32.58
C ALA A 643 -13.48 -7.75 32.84
N GLN A 644 -12.49 -8.59 32.46
CA GLN A 644 -11.02 -8.31 32.47
C GLN A 644 -10.64 -7.47 31.24
N SER A 645 -11.65 -7.10 30.44
CA SER A 645 -11.56 -6.26 29.22
C SER A 645 -11.27 -4.80 29.63
N ILE A 646 -11.78 -4.39 30.81
CA ILE A 646 -11.54 -3.05 31.41
C ILE A 646 -10.13 -3.05 32.01
N GLU A 647 -9.73 -4.11 32.72
CA GLU A 647 -8.31 -4.29 33.14
C GLU A 647 -7.44 -4.03 31.90
N PHE A 648 -7.78 -4.64 30.75
CA PHE A 648 -6.98 -4.58 29.50
C PHE A 648 -7.00 -3.17 28.92
N ILE A 649 -8.18 -2.55 28.88
CA ILE A 649 -8.32 -1.16 28.34
C ILE A 649 -7.43 -0.24 29.18
N ARG A 650 -7.37 -0.46 30.50
CA ARG A 650 -6.59 0.36 31.47
C ARG A 650 -5.10 0.22 31.18
N ARG A 651 -4.64 -0.98 30.83
CA ARG A 651 -3.19 -1.20 30.57
C ARG A 651 -2.77 -0.59 29.24
N LEU A 652 -3.69 -0.11 28.41
CA LEU A 652 -3.34 0.61 27.14
C LEU A 652 -2.63 1.92 27.47
N LEU A 653 -2.74 2.44 28.70
CA LEU A 653 -1.94 3.61 29.14
C LEU A 653 -0.47 3.21 29.35
N GLN A 654 -0.16 1.92 29.55
CA GLN A 654 1.25 1.47 29.79
C GLN A 654 1.59 0.26 28.93
N PRO A 655 1.59 0.40 27.60
CA PRO A 655 1.90 -0.72 26.71
C PRO A 655 3.35 -1.18 26.89
N LYS A 656 3.55 -2.50 26.81
CA LYS A 656 4.77 -3.23 27.24
C LYS A 656 5.74 -3.39 26.08
N ASN A 657 5.26 -3.24 24.84
CA ASN A 657 6.08 -3.45 23.63
C ASN A 657 6.34 -2.12 22.92
N TYR A 658 6.47 -1.01 23.66
CA TYR A 658 6.66 0.36 23.12
C TYR A 658 8.10 0.58 22.63
N GLU A 659 9.09 -0.18 23.08
CA GLU A 659 10.51 0.07 22.73
C GLU A 659 10.79 -0.15 21.23
N LEU A 660 11.49 0.82 20.63
CA LEU A 660 12.05 0.77 19.26
C LEU A 660 13.49 1.25 19.36
N LEU A 661 14.45 0.32 19.36
CA LEU A 661 15.84 0.60 19.74
C LEU A 661 16.53 1.46 18.67
N PHE A 662 16.00 1.54 17.45
CA PHE A 662 16.54 2.44 16.40
C PHE A 662 16.09 3.88 16.65
N ILE A 663 15.23 4.13 17.64
CA ILE A 663 14.87 5.50 18.12
C ILE A 663 15.57 5.80 19.46
N ARG A 664 15.25 5.04 20.52
CA ARG A 664 15.80 5.16 21.89
C ARG A 664 17.33 5.12 21.83
PA FAD B . 7.44 10.09 -10.31
O1A FAD B . 6.01 10.51 -10.19
O2A FAD B . 7.87 9.02 -11.25
O5B FAD B . 8.28 11.42 -10.48
C5B FAD B . 9.72 11.46 -10.43
C4B FAD B . 10.15 12.53 -11.41
O4B FAD B . 11.60 12.66 -11.38
C3B FAD B . 9.76 12.17 -12.85
O3B FAD B . 9.02 13.24 -13.43
C2B FAD B . 11.11 11.86 -13.53
O2B FAD B . 11.10 12.33 -14.85
C1B FAD B . 12.09 12.70 -12.70
N9A FAD B . 13.43 12.20 -12.71
C8A FAD B . 13.89 10.91 -12.52
N7A FAD B . 15.20 10.81 -12.60
C5A FAD B . 15.62 12.10 -12.83
C6A FAD B . 16.90 12.65 -13.01
N6A FAD B . 18.02 11.95 -12.94
N1A FAD B . 16.97 13.99 -13.22
C2A FAD B . 15.84 14.69 -13.28
N3A FAD B . 14.59 14.29 -13.13
C4A FAD B . 14.55 12.96 -12.91
N1 FAD B . 0.57 5.14 -5.48
C2 FAD B . -0.56 5.29 -4.72
O2 FAD B . -0.49 5.79 -3.62
N3 FAD B . -1.74 4.79 -5.08
C4 FAD B . -1.92 4.18 -6.33
O4 FAD B . -3.01 3.72 -6.63
C4X FAD B . -0.81 4.11 -7.20
N5 FAD B . -0.98 3.62 -8.39
C5X FAD B . 0.11 3.61 -9.23
C6 FAD B . -0.07 3.12 -10.53
C7 FAD B . 0.97 3.07 -11.44
C7M FAD B . 0.74 2.53 -12.83
C8 FAD B . 2.25 3.49 -11.04
C8M FAD B . 3.42 3.40 -11.99
C9 FAD B . 2.45 3.93 -9.75
C9A FAD B . 1.40 4.02 -8.81
N10 FAD B . 1.54 4.55 -7.52
C10 FAD B . 0.44 4.63 -6.68
C1' FAD B . 2.87 4.89 -6.98
C2' FAD B . 3.24 6.33 -6.88
O2' FAD B . 2.16 7.16 -6.41
C3' FAD B . 3.79 6.78 -8.23
O3' FAD B . 4.84 5.93 -8.61
C4' FAD B . 4.40 8.16 -8.22
O4' FAD B . 4.58 8.58 -9.56
C5' FAD B . 5.75 8.17 -7.53
O5' FAD B . 6.05 9.54 -7.33
P FAD B . 7.55 10.00 -7.38
O1P FAD B . 7.39 11.48 -7.23
O2P FAD B . 8.26 9.18 -6.34
O3P FAD B . 7.97 9.62 -8.87
N TRP C . -8.31 -5.63 11.35
CA TRP C . -9.15 -5.89 10.11
C TRP C . -9.52 -7.38 10.03
O TRP C . -8.99 -8.13 10.86
CB TRP C . -8.42 -5.37 8.85
CG TRP C . -7.19 -6.10 8.43
CD1 TRP C . -6.82 -7.36 8.80
CD2 TRP C . -6.19 -5.66 7.50
NE1 TRP C . -5.68 -7.73 8.14
CE2 TRP C . -5.27 -6.72 7.34
CE3 TRP C . -5.98 -4.50 6.77
CZ2 TRP C . -4.16 -6.64 6.51
CZ3 TRP C . -4.87 -4.39 5.97
CH2 TRP C . -4.00 -5.46 5.83
OXT TRP C . -10.27 -7.82 9.16
N TRP D . 3.52 1.63 -5.57
CA TRP D . 2.09 2.01 -5.40
C TRP D . 1.88 2.53 -3.97
O TRP D . 2.93 2.92 -3.43
CB TRP D . 1.16 0.85 -5.74
CG TRP D . 1.00 0.63 -7.22
CD1 TRP D . -0.17 0.70 -7.93
CD2 TRP D . 2.02 0.25 -8.15
NE1 TRP D . 0.06 0.41 -9.25
CE2 TRP D . 1.38 0.13 -9.41
CE3 TRP D . 3.39 -0.02 -8.07
CZ2 TRP D . 2.09 -0.22 -10.56
CZ3 TRP D . 4.09 -0.37 -9.20
CH2 TRP D . 3.44 -0.48 -10.43
OXT TRP D . 0.76 2.57 -3.39
#